data_8EZ3
#
_entry.id   8EZ3
#
_cell.length_a   1.00
_cell.length_b   1.00
_cell.length_c   1.00
_cell.angle_alpha   90.00
_cell.angle_beta   90.00
_cell.angle_gamma   90.00
#
_symmetry.space_group_name_H-M   'P 1'
#
loop_
_entity.id
_entity.type
_entity.pdbx_description
1 polymer 'Heavy chain of influenza virus neuraminidase antibody 3A10'
2 polymer 'Light chain of influenza virus neuraminidase antibody 3A10'
3 polymer Neuraminidase
4 branched alpha-D-mannopyranose-(1-2)-alpha-D-mannopyranose-(1-3)-beta-D-mannopyranose-(1-4)-2-acetamido-2-deoxy-beta-D-glucopyranose-(1-4)-2-acetamido-2-deoxy-beta-D-glucopyranose
5 non-polymer alpha-D-mannopyranose
6 non-polymer 2-acetamido-2-deoxy-beta-D-glucopyranose
#
loop_
_entity_poly.entity_id
_entity_poly.type
_entity_poly.pdbx_seq_one_letter_code
_entity_poly.pdbx_strand_id
1 'polypeptide(L)'
;QVQLQESGPGLVRPSQTLSLTCTVSGASISDVDFYWTWFRQTPGKGLEWIGYTNSIGNAFYNPSLQSRLTISIDTSDNHF
SLRLKSVTAADTAVYYCARSNSNTWSREYFQHWGQGTLVTVSS
;
H
2 'polypeptide(L)'
;SVLTQPPSVSGAPGQRVSISCTGSSSNIGAGFDVHWYQQVPGTAPKLLIYGNSNRPSGVPDRFSASKSGTSASLAITGLQ
PEDEADYYCQSYDNSLSVNYVFGTGTRVTVL
;
L
3 'polypeptide(L)'
;AEYRNWSKPQCNITGFAPFSKDNSIRLSAGGDIWVTREPYVSCDPDKCYQFALGQGTTLNNGHSNDTVHDRTPYRTLLMN
ELGVPFHLGTKQVCIAWSSSSCHDGKAWLHVCVTGDDENATASFIYNGRLVDSIGSWSKKILRTQESECVCINGTCTVVM
TDGSASGKADTKILFIEEGKIVHTSPLSGSAQHVEECSCYPRYPGVRCVCRDNWKGSNRPIVDINVKDYSIVSSYVCSGL
VGDTPRKNDSSSSSHCLDPNNEEGGHGVKGWAFDDGNDVWMGRTISEKLRSGYETFKVIEGWSKPNSKLQINRQVIVDRG
NRSGYSGIFSVEGKSCINRCFYVELIRGRKQETEVLWTSNSIVVFCGTSGTYGTGSWPDGADINLMPI
;
A
#
loop_
_chem_comp.id
_chem_comp.type
_chem_comp.name
_chem_comp.formula
BMA D-saccharide, beta linking beta-D-mannopyranose 'C6 H12 O6'
MAN D-saccharide, alpha linking alpha-D-mannopyranose 'C6 H12 O6'
NAG D-saccharide, beta linking 2-acetamido-2-deoxy-beta-D-glucopyranose 'C8 H15 N O6'
#
# COMPACT_ATOMS: atom_id res chain seq x y z
N GLN A 1 7.51 27.64 16.44
CA GLN A 1 6.90 26.45 17.01
C GLN A 1 5.56 26.15 16.35
N VAL A 2 5.21 24.87 16.28
CA VAL A 2 3.96 24.46 15.67
C VAL A 2 2.81 24.68 16.64
N GLN A 3 1.78 25.37 16.19
CA GLN A 3 0.58 25.63 17.00
C GLN A 3 -0.63 25.11 16.25
N LEU A 4 -1.42 24.26 16.92
CA LEU A 4 -2.60 23.65 16.33
C LEU A 4 -3.84 24.15 17.06
N GLN A 5 -4.87 24.51 16.30
CA GLN A 5 -6.10 25.06 16.85
C GLN A 5 -7.29 24.38 16.18
N GLU A 6 -7.98 23.51 16.91
CA GLU A 6 -9.20 22.89 16.41
C GLU A 6 -10.32 23.91 16.34
N SER A 7 -11.16 23.77 15.32
CA SER A 7 -12.31 24.66 15.15
C SER A 7 -13.40 23.91 14.41
N GLY A 8 -14.54 23.73 15.06
CA GLY A 8 -15.66 23.06 14.44
C GLY A 8 -16.91 23.18 15.30
N PRO A 9 -18.06 22.82 14.74
CA PRO A 9 -19.31 22.90 15.51
C PRO A 9 -19.26 22.01 16.74
N GLY A 10 -19.82 22.52 17.82
CA GLY A 10 -19.86 21.78 19.08
C GLY A 10 -21.01 20.82 19.23
N LEU A 11 -22.00 20.89 18.34
CA LEU A 11 -23.17 20.03 18.41
C LEU A 11 -23.54 19.58 17.00
N VAL A 12 -23.59 18.26 16.79
CA VAL A 12 -23.95 17.68 15.51
C VAL A 12 -25.04 16.65 15.75
N ARG A 13 -26.11 16.72 14.97
CA ARG A 13 -27.22 15.80 15.13
C ARG A 13 -26.79 14.38 14.76
N PRO A 14 -27.41 13.36 15.35
CA PRO A 14 -27.09 11.98 14.97
C PRO A 14 -27.37 11.74 13.49
N SER A 15 -26.54 10.89 12.90
CA SER A 15 -26.56 10.53 11.48
C SER A 15 -26.22 11.72 10.57
N GLN A 16 -25.73 12.82 11.12
CA GLN A 16 -25.25 13.93 10.32
C GLN A 16 -23.75 13.75 10.05
N THR A 17 -23.10 14.78 9.52
CA THR A 17 -21.68 14.71 9.19
C THR A 17 -20.92 15.67 10.11
N LEU A 18 -20.11 15.09 10.99
CA LEU A 18 -19.21 15.89 11.82
C LEU A 18 -18.05 16.40 10.97
N SER A 19 -17.75 17.69 11.10
CA SER A 19 -16.67 18.31 10.33
C SER A 19 -15.88 19.24 11.24
N LEU A 20 -14.61 18.93 11.44
CA LEU A 20 -13.72 19.74 12.25
C LEU A 20 -12.53 20.19 11.42
N THR A 21 -11.99 21.35 11.77
CA THR A 21 -10.85 21.93 11.06
C THR A 21 -9.80 22.33 12.08
N CYS A 22 -8.55 21.93 11.84
CA CYS A 22 -7.43 22.29 12.69
C CYS A 22 -6.54 23.27 11.93
N THR A 23 -6.50 24.51 12.41
CA THR A 23 -5.67 25.55 11.81
C THR A 23 -4.29 25.52 12.44
N VAL A 24 -3.26 25.52 11.59
CA VAL A 24 -1.87 25.37 12.02
C VAL A 24 -1.19 26.72 11.90
N SER A 25 -0.50 27.13 12.97
CA SER A 25 0.23 28.38 12.99
C SER A 25 1.67 28.13 13.43
N GLY A 26 2.58 28.96 12.93
CA GLY A 26 3.98 28.83 13.26
C GLY A 26 4.72 27.78 12.48
N ALA A 27 4.06 27.07 11.57
CA ALA A 27 4.70 26.07 10.74
C ALA A 27 3.86 25.87 9.49
N SER A 28 4.52 25.37 8.45
CA SER A 28 3.86 25.11 7.18
C SER A 28 3.47 23.63 7.10
N ILE A 29 2.20 23.36 6.81
CA ILE A 29 1.75 21.99 6.62
C ILE A 29 2.02 21.46 5.24
N SER A 30 2.58 22.28 4.35
CA SER A 30 2.83 21.88 2.97
C SER A 30 4.10 21.07 2.81
N ASP A 31 4.89 20.89 3.86
CA ASP A 31 6.09 20.05 3.80
C ASP A 31 5.69 18.63 4.17
N VAL A 32 5.97 17.68 3.26
CA VAL A 32 5.52 16.29 3.44
C VAL A 32 6.65 15.56 4.15
N ASP A 33 6.71 15.75 5.47
CA ASP A 33 7.53 14.92 6.33
C ASP A 33 6.86 14.62 7.66
N PHE A 34 5.63 15.10 7.87
CA PHE A 34 4.90 14.90 9.10
C PHE A 34 3.50 14.41 8.78
N TYR A 35 2.94 13.65 9.69
CA TYR A 35 1.56 13.20 9.59
C TYR A 35 0.68 14.09 10.46
N TRP A 36 -0.35 14.68 9.85
CA TRP A 36 -1.28 15.55 10.55
C TRP A 36 -2.41 14.70 11.07
N THR A 37 -2.42 14.47 12.38
CA THR A 37 -3.21 13.43 13.00
C THR A 37 -4.43 14.01 13.70
N TRP A 38 -5.47 13.18 13.81
CA TRP A 38 -6.65 13.49 14.59
C TRP A 38 -6.84 12.42 15.66
N PHE A 39 -7.18 12.87 16.88
CA PHE A 39 -7.50 11.99 17.98
C PHE A 39 -8.85 12.37 18.55
N ARG A 40 -9.41 11.46 19.34
CA ARG A 40 -10.61 11.76 20.10
C ARG A 40 -10.57 11.00 21.42
N GLN A 41 -11.12 11.62 22.46
CA GLN A 41 -11.15 11.05 23.79
C GLN A 41 -12.58 11.06 24.31
N THR A 42 -13.24 9.92 24.24
CA THR A 42 -14.56 9.81 24.85
C THR A 42 -14.43 9.92 26.36
N PRO A 43 -15.42 10.54 27.02
CA PRO A 43 -15.27 10.78 28.47
C PRO A 43 -15.04 9.53 29.29
N GLY A 44 -15.67 8.41 28.91
CA GLY A 44 -15.51 7.17 29.65
C GLY A 44 -14.33 6.32 29.26
N LYS A 45 -13.58 6.68 28.22
CA LYS A 45 -12.46 5.86 27.77
C LYS A 45 -11.20 6.69 27.61
N GLY A 46 -10.16 6.08 27.06
CA GLY A 46 -8.90 6.76 26.79
C GLY A 46 -8.87 7.34 25.39
N LEU A 47 -7.69 7.82 25.02
CA LEU A 47 -7.50 8.41 23.71
C LEU A 47 -7.65 7.36 22.61
N GLU A 48 -8.19 7.80 21.47
CA GLU A 48 -8.35 6.93 20.32
C GLU A 48 -7.78 7.62 19.10
N TRP A 49 -6.92 6.91 18.37
CA TRP A 49 -6.37 7.43 17.13
C TRP A 49 -7.44 7.37 16.04
N ILE A 50 -7.65 8.49 15.36
CA ILE A 50 -8.71 8.60 14.36
C ILE A 50 -8.18 8.42 12.95
N GLY A 51 -7.12 9.15 12.58
CA GLY A 51 -6.63 9.04 11.22
C GLY A 51 -5.39 9.88 11.01
N TYR A 52 -4.75 9.63 9.88
CA TYR A 52 -3.52 10.26 9.43
C TYR A 52 -3.77 11.07 8.17
N THR A 53 -2.80 11.95 7.86
CA THR A 53 -2.67 12.55 6.54
C THR A 53 -1.39 13.39 6.49
N ASN A 54 -0.88 13.64 5.29
CA ASN A 54 0.19 14.60 5.07
C ASN A 54 -0.23 15.56 3.98
N SER A 55 0.66 16.49 3.64
CA SER A 55 0.34 17.50 2.62
C SER A 55 0.04 16.88 1.27
N ILE A 56 0.59 15.70 1.00
CA ILE A 56 0.37 15.04 -0.29
C ILE A 56 -1.00 14.40 -0.37
N GLY A 57 -1.60 14.04 0.77
CA GLY A 57 -2.92 13.46 0.77
C GLY A 57 -2.96 11.97 1.01
N ASN A 58 -1.84 11.35 1.39
CA ASN A 58 -1.80 9.92 1.67
C ASN A 58 -2.23 9.72 3.10
N ALA A 59 -3.50 9.37 3.29
CA ALA A 59 -4.11 9.29 4.60
C ALA A 59 -4.27 7.85 5.06
N PHE A 60 -4.14 7.65 6.37
CA PHE A 60 -4.41 6.38 7.02
C PHE A 60 -5.46 6.59 8.08
N TYR A 61 -6.43 5.69 8.15
CA TYR A 61 -7.57 5.83 9.04
C TYR A 61 -7.62 4.67 10.03
N ASN A 62 -8.25 4.94 11.17
CA ASN A 62 -8.49 3.89 12.15
C ASN A 62 -9.36 2.80 11.54
N PRO A 63 -8.94 1.53 11.58
CA PRO A 63 -9.75 0.47 10.97
C PRO A 63 -11.16 0.39 11.51
N SER A 64 -11.37 0.75 12.78
CA SER A 64 -12.72 0.74 13.33
C SER A 64 -13.61 1.76 12.64
N LEU A 65 -13.12 2.99 12.49
CA LEU A 65 -13.90 4.07 11.91
C LEU A 65 -13.65 4.26 10.42
N GLN A 66 -12.79 3.43 9.82
CA GLN A 66 -12.28 3.71 8.47
C GLN A 66 -13.38 3.91 7.45
N SER A 67 -14.53 3.25 7.64
CA SER A 67 -15.62 3.36 6.67
C SER A 67 -16.26 4.74 6.65
N ARG A 68 -15.94 5.61 7.60
CA ARG A 68 -16.68 6.86 7.75
C ARG A 68 -15.84 8.11 7.53
N LEU A 69 -14.67 8.22 8.15
CA LEU A 69 -14.01 9.51 8.16
C LEU A 69 -13.39 9.84 6.82
N THR A 70 -13.00 11.11 6.66
CA THR A 70 -12.24 11.57 5.52
C THR A 70 -11.39 12.74 5.99
N ILE A 71 -10.08 12.53 6.07
CA ILE A 71 -9.15 13.54 6.55
C ILE A 71 -8.57 14.24 5.34
N SER A 72 -8.85 15.53 5.21
CA SER A 72 -8.42 16.32 4.07
C SER A 72 -7.29 17.26 4.48
N ILE A 73 -6.59 17.78 3.46
CA ILE A 73 -5.50 18.72 3.65
C ILE A 73 -5.77 19.94 2.78
N ASP A 74 -5.20 21.07 3.19
CA ASP A 74 -5.31 22.31 2.43
C ASP A 74 -4.02 23.08 2.62
N THR A 75 -3.08 22.90 1.70
CA THR A 75 -1.78 23.55 1.82
C THR A 75 -1.85 25.05 1.57
N SER A 76 -2.90 25.53 0.91
CA SER A 76 -3.05 26.96 0.69
C SER A 76 -3.51 27.68 1.97
N ASP A 77 -4.67 27.28 2.50
CA ASP A 77 -5.16 27.85 3.75
C ASP A 77 -4.37 27.39 4.96
N ASN A 78 -3.50 26.38 4.79
CA ASN A 78 -2.62 25.88 5.85
C ASN A 78 -3.44 25.32 7.01
N HIS A 79 -4.31 24.37 6.67
CA HIS A 79 -5.14 23.70 7.67
C HIS A 79 -5.53 22.33 7.13
N PHE A 80 -5.90 21.44 8.05
CA PHE A 80 -6.39 20.12 7.70
C PHE A 80 -7.67 19.84 8.47
N SER A 81 -8.54 19.02 7.87
CA SER A 81 -9.89 18.86 8.36
C SER A 81 -10.23 17.38 8.54
N LEU A 82 -11.23 17.13 9.38
CA LEU A 82 -11.76 15.81 9.63
C LEU A 82 -13.26 15.81 9.32
N ARG A 83 -13.73 14.75 8.69
CA ARG A 83 -15.14 14.67 8.28
C ARG A 83 -15.65 13.27 8.60
N LEU A 84 -16.39 13.15 9.71
CA LEU A 84 -16.99 11.89 10.11
C LEU A 84 -18.42 11.82 9.63
N LYS A 85 -18.78 10.71 8.99
CA LYS A 85 -20.12 10.53 8.44
C LYS A 85 -20.96 9.64 9.36
N SER A 86 -22.25 9.95 9.43
CA SER A 86 -23.22 9.18 10.19
C SER A 86 -22.79 9.04 11.65
N VAL A 87 -22.65 10.19 12.31
CA VAL A 87 -22.25 10.19 13.71
C VAL A 87 -23.38 9.63 14.57
N THR A 88 -23.01 9.16 15.76
CA THR A 88 -23.95 8.54 16.68
C THR A 88 -23.58 8.96 18.09
N ALA A 89 -24.20 8.30 19.08
CA ALA A 89 -23.92 8.58 20.48
C ALA A 89 -22.52 8.15 20.90
N ALA A 90 -21.82 7.38 20.09
CA ALA A 90 -20.44 7.01 20.36
C ALA A 90 -19.43 8.03 19.83
N ASP A 91 -19.88 9.01 19.04
CA ASP A 91 -19.00 9.98 18.43
C ASP A 91 -18.84 11.26 19.26
N THR A 92 -19.48 11.35 20.42
CA THR A 92 -19.32 12.51 21.28
C THR A 92 -18.04 12.34 22.09
N ALA A 93 -17.09 13.25 21.90
CA ALA A 93 -15.79 13.15 22.54
C ALA A 93 -15.07 14.48 22.37
N VAL A 94 -13.88 14.58 22.96
CA VAL A 94 -13.00 15.72 22.77
C VAL A 94 -12.02 15.37 21.66
N TYR A 95 -12.09 16.10 20.56
CA TYR A 95 -11.30 15.79 19.37
C TYR A 95 -10.04 16.63 19.35
N TYR A 96 -8.89 15.98 19.33
CA TYR A 96 -7.60 16.63 19.32
C TYR A 96 -6.97 16.49 17.95
N CYS A 97 -6.39 17.57 17.45
CA CYS A 97 -5.57 17.53 16.25
C CYS A 97 -4.10 17.59 16.67
N ALA A 98 -3.30 16.68 16.14
CA ALA A 98 -1.90 16.56 16.53
C ALA A 98 -1.04 16.38 15.31
N ARG A 99 0.26 16.56 15.49
CA ARG A 99 1.25 16.34 14.45
C ARG A 99 2.23 15.26 14.91
N SER A 100 2.47 14.29 14.04
CA SER A 100 3.41 13.22 14.35
C SER A 100 4.84 13.75 14.32
N ASN A 101 5.75 12.97 14.90
CA ASN A 101 7.15 13.37 14.91
C ASN A 101 7.76 13.32 13.52
N SER A 102 7.45 12.28 12.75
CA SER A 102 8.06 12.09 11.44
C SER A 102 7.06 11.37 10.55
N ASN A 103 7.54 10.83 9.43
CA ASN A 103 6.68 10.16 8.45
C ASN A 103 6.76 8.64 8.55
N THR A 104 7.35 8.12 9.63
CA THR A 104 7.35 6.68 9.86
C THR A 104 5.96 6.24 10.33
N TRP A 105 5.82 4.96 10.65
CA TRP A 105 4.60 4.44 11.25
C TRP A 105 4.84 3.81 12.61
N SER A 106 5.82 2.92 12.72
CA SER A 106 6.06 2.21 13.97
C SER A 106 6.72 3.10 15.02
N ARG A 107 7.39 4.17 14.60
CA ARG A 107 8.18 5.01 15.49
C ARG A 107 7.53 6.39 15.66
N GLU A 108 6.21 6.42 15.75
CA GLU A 108 5.47 7.67 15.74
C GLU A 108 5.02 8.04 17.15
N TYR A 109 5.37 9.25 17.56
CA TYR A 109 4.85 9.86 18.78
C TYR A 109 4.42 11.28 18.44
N PHE A 110 3.38 11.74 19.14
CA PHE A 110 2.70 12.99 18.78
C PHE A 110 3.02 14.03 19.86
N GLN A 111 4.02 14.85 19.58
CA GLN A 111 4.47 15.86 20.54
C GLN A 111 3.55 17.07 20.54
N HIS A 112 3.18 17.57 19.37
CA HIS A 112 2.40 18.79 19.25
C HIS A 112 0.93 18.44 19.13
N TRP A 113 0.12 18.98 20.04
CA TRP A 113 -1.31 18.73 20.07
C TRP A 113 -2.07 20.04 19.96
N GLY A 114 -3.37 19.93 19.69
CA GLY A 114 -4.28 21.05 19.76
C GLY A 114 -4.80 21.24 21.16
N GLN A 115 -5.81 22.10 21.27
CA GLN A 115 -6.43 22.36 22.56
C GLN A 115 -7.59 21.41 22.87
N GLY A 116 -8.20 20.83 21.84
CA GLY A 116 -9.29 19.89 22.05
C GLY A 116 -10.65 20.55 22.02
N THR A 117 -11.51 20.09 21.12
CA THR A 117 -12.85 20.63 20.97
C THR A 117 -13.87 19.56 21.36
N LEU A 118 -14.83 19.94 22.21
CA LEU A 118 -15.88 19.03 22.63
C LEU A 118 -16.95 19.00 21.55
N VAL A 119 -17.09 17.86 20.88
CA VAL A 119 -18.13 17.63 19.88
C VAL A 119 -19.18 16.73 20.51
N THR A 120 -20.40 17.22 20.57
CA THR A 120 -21.50 16.50 21.21
C THR A 120 -22.52 16.09 20.15
N VAL A 121 -22.89 14.82 20.14
CA VAL A 121 -23.89 14.30 19.23
C VAL A 121 -25.12 13.96 20.07
N SER A 122 -26.17 14.74 19.93
CA SER A 122 -27.41 14.56 20.69
C SER A 122 -28.49 15.42 20.04
N SER A 123 -29.70 15.32 20.58
CA SER A 123 -30.83 16.09 20.08
C SER A 123 -31.46 16.92 21.21
N SER B 1 -8.49 -2.53 19.09
CA SER B 1 -7.99 -3.00 20.38
C SER B 1 -7.25 -1.89 21.11
N VAL B 2 -7.05 -2.09 22.43
CA VAL B 2 -6.28 -1.16 23.24
C VAL B 2 -5.34 -1.95 24.13
N LEU B 3 -4.30 -1.27 24.60
CA LEU B 3 -3.44 -1.82 25.63
C LEU B 3 -4.10 -1.65 27.00
N THR B 4 -3.67 -2.45 27.96
CA THR B 4 -4.27 -2.46 29.28
C THR B 4 -3.32 -1.84 30.30
N GLN B 5 -3.91 -1.15 31.27
CA GLN B 5 -3.18 -0.53 32.37
C GLN B 5 -4.01 -0.69 33.64
N PRO B 6 -3.37 -0.62 34.81
CA PRO B 6 -4.14 -0.55 36.05
C PRO B 6 -5.04 0.67 36.07
N PRO B 7 -6.28 0.53 36.53
CA PRO B 7 -7.20 1.68 36.50
C PRO B 7 -6.71 2.87 37.32
N SER B 8 -6.02 2.62 38.43
CA SER B 8 -5.56 3.72 39.29
C SER B 8 -4.31 3.27 40.04
N VAL B 9 -3.38 4.21 40.22
CA VAL B 9 -2.14 3.95 40.94
C VAL B 9 -1.89 5.15 41.86
N SER B 10 -1.87 4.89 43.17
CA SER B 10 -1.69 5.95 44.15
C SER B 10 -0.27 5.93 44.71
N GLY B 11 0.10 7.03 45.36
CA GLY B 11 1.42 7.15 45.96
C GLY B 11 1.64 8.45 46.69
N ALA B 12 2.23 8.37 47.89
CA ALA B 12 2.52 9.55 48.67
C ALA B 12 3.66 10.34 48.04
N PRO B 13 3.78 11.62 48.36
CA PRO B 13 4.94 12.40 47.87
C PRO B 13 6.25 11.78 48.35
N GLY B 14 7.26 11.86 47.51
CA GLY B 14 8.56 11.30 47.83
C GLY B 14 8.81 9.91 47.28
N GLN B 15 7.88 8.99 47.49
CA GLN B 15 8.08 7.62 47.04
C GLN B 15 7.86 7.52 45.53
N ARG B 16 7.90 6.30 45.02
CA ARG B 16 7.79 6.04 43.59
C ARG B 16 6.62 5.10 43.31
N VAL B 17 6.11 5.18 42.08
CA VAL B 17 5.04 4.31 41.61
C VAL B 17 5.42 3.77 40.23
N SER B 18 4.71 2.73 39.82
CA SER B 18 4.95 2.10 38.52
C SER B 18 3.62 1.90 37.81
N ILE B 19 3.61 2.18 36.50
CA ILE B 19 2.45 1.98 35.65
C ILE B 19 2.82 0.93 34.61
N SER B 20 2.11 -0.18 34.61
CA SER B 20 2.46 -1.34 33.80
C SER B 20 1.53 -1.43 32.60
N CYS B 21 2.09 -1.14 31.42
CA CYS B 21 1.38 -1.36 30.17
C CYS B 21 1.66 -2.76 29.66
N THR B 22 0.61 -3.46 29.23
CA THR B 22 0.73 -4.82 28.72
C THR B 22 0.25 -4.84 27.28
N GLY B 23 1.08 -5.37 26.39
CA GLY B 23 0.83 -5.35 24.96
C GLY B 23 0.31 -6.67 24.44
N SER B 24 0.74 -7.03 23.24
CA SER B 24 0.27 -8.22 22.55
C SER B 24 1.28 -8.57 21.45
N SER B 25 0.89 -9.49 20.57
CA SER B 25 1.78 -9.94 19.50
C SER B 25 1.95 -8.87 18.42
N SER B 26 0.90 -8.12 18.11
CA SER B 26 0.98 -7.02 17.14
C SER B 26 1.13 -5.67 17.83
N ASN B 27 1.89 -5.64 18.93
CA ASN B 27 1.90 -4.55 19.90
C ASN B 27 3.28 -4.45 20.51
N ILE B 28 3.36 -3.91 21.73
CA ILE B 28 4.59 -3.82 22.51
C ILE B 28 5.43 -5.08 22.37
N GLY B 29 4.78 -6.23 22.26
CA GLY B 29 5.48 -7.48 22.07
C GLY B 29 6.07 -7.70 20.69
N ALA B 30 5.77 -6.82 19.74
CA ALA B 30 6.34 -6.90 18.40
C ALA B 30 7.58 -6.03 18.23
N GLY B 31 8.09 -5.46 19.33
CA GLY B 31 9.26 -4.63 19.27
C GLY B 31 9.01 -3.18 18.94
N PHE B 32 7.75 -2.77 18.77
CA PHE B 32 7.45 -1.39 18.47
C PHE B 32 7.66 -0.52 19.70
N ASP B 33 8.10 0.71 19.48
CA ASP B 33 8.39 1.62 20.57
C ASP B 33 7.13 1.95 21.36
N VAL B 34 7.30 2.14 22.66
CA VAL B 34 6.21 2.48 23.57
C VAL B 34 6.38 3.92 24.01
N HIS B 35 5.35 4.73 23.81
CA HIS B 35 5.37 6.14 24.17
C HIS B 35 4.34 6.40 25.27
N TRP B 36 4.70 7.28 26.19
CA TRP B 36 3.88 7.57 27.36
C TRP B 36 3.41 9.01 27.30
N TYR B 37 2.11 9.21 27.47
CA TYR B 37 1.51 10.54 27.43
C TYR B 37 0.89 10.87 28.78
N GLN B 38 1.14 12.09 29.25
CA GLN B 38 0.54 12.60 30.47
C GLN B 38 -0.54 13.61 30.10
N GLN B 39 -1.75 13.41 30.63
CA GLN B 39 -2.88 14.27 30.34
C GLN B 39 -3.58 14.65 31.64
N VAL B 40 -3.37 15.89 32.09
CA VAL B 40 -4.21 16.40 33.17
C VAL B 40 -5.65 16.47 32.68
N PRO B 41 -6.62 15.97 33.45
CA PRO B 41 -7.99 15.89 32.94
C PRO B 41 -8.52 17.25 32.52
N GLY B 42 -9.22 17.27 31.38
CA GLY B 42 -9.75 18.48 30.82
C GLY B 42 -8.82 19.24 29.88
N THR B 43 -7.57 18.82 29.76
CA THR B 43 -6.59 19.47 28.91
C THR B 43 -6.05 18.49 27.88
N ALA B 44 -5.19 19.01 27.00
CA ALA B 44 -4.63 18.18 25.94
C ALA B 44 -3.56 17.24 26.52
N PRO B 45 -3.37 16.08 25.90
CA PRO B 45 -2.28 15.19 26.34
C PRO B 45 -0.92 15.80 26.07
N LYS B 46 0.04 15.44 26.92
CA LYS B 46 1.42 15.88 26.78
C LYS B 46 2.31 14.66 26.66
N LEU B 47 3.14 14.64 25.62
CA LEU B 47 4.06 13.53 25.43
C LEU B 47 5.10 13.53 26.54
N LEU B 48 5.24 12.40 27.22
CA LEU B 48 6.15 12.28 28.34
C LEU B 48 7.41 11.50 27.98
N ILE B 49 7.27 10.33 27.39
CA ILE B 49 8.40 9.47 27.02
C ILE B 49 8.17 8.97 25.61
N TYR B 50 9.23 8.95 24.80
CA TYR B 50 9.24 8.24 23.54
C TYR B 50 10.46 7.34 23.49
N GLY B 51 10.51 6.45 22.51
CA GLY B 51 11.60 5.49 22.43
C GLY B 51 11.69 4.58 23.64
N ASN B 52 10.62 4.49 24.42
CA ASN B 52 10.47 3.74 25.66
C ASN B 52 11.25 4.36 26.82
N SER B 53 12.22 5.23 26.52
CA SER B 53 12.72 6.22 27.49
C SER B 53 13.52 7.29 26.78
N ASN B 54 12.90 8.41 26.40
CA ASN B 54 13.65 9.48 25.75
C ASN B 54 13.06 10.85 26.08
N ARG B 55 12.82 11.13 27.37
CA ARG B 55 12.10 12.33 27.81
C ARG B 55 12.48 13.56 26.99
N PRO B 56 11.55 14.10 26.19
CA PRO B 56 11.93 15.05 25.14
C PRO B 56 12.59 16.33 25.62
N SER B 57 11.87 17.12 26.42
CA SER B 57 12.35 18.42 26.87
C SER B 57 11.38 18.99 27.89
N GLY B 58 11.91 19.65 28.93
CA GLY B 58 11.05 20.20 29.96
C GLY B 58 10.30 19.16 30.75
N VAL B 59 10.67 17.90 30.62
CA VAL B 59 10.04 16.80 31.35
C VAL B 59 10.95 16.43 32.52
N PRO B 60 10.45 16.41 33.75
CA PRO B 60 11.31 16.14 34.89
C PRO B 60 11.94 14.76 34.81
N ASP B 61 13.16 14.65 35.36
CA ASP B 61 13.88 13.39 35.39
C ASP B 61 13.23 12.36 36.29
N ARG B 62 12.12 12.70 36.96
CA ARG B 62 11.41 11.71 37.77
C ARG B 62 10.91 10.56 36.91
N PHE B 63 10.37 10.87 35.74
CA PHE B 63 9.74 9.87 34.90
C PHE B 63 10.79 9.01 34.21
N SER B 64 10.59 7.69 34.26
CA SER B 64 11.45 6.74 33.58
C SER B 64 10.58 5.65 32.97
N ALA B 65 11.05 5.10 31.84
CA ALA B 65 10.31 4.08 31.12
C ALA B 65 11.23 2.93 30.78
N SER B 66 10.64 1.74 30.68
CA SER B 66 11.39 0.54 30.33
C SER B 66 10.44 -0.45 29.67
N LYS B 67 10.89 -1.05 28.57
CA LYS B 67 10.11 -2.02 27.82
C LYS B 67 10.77 -3.39 27.91
N SER B 68 9.95 -4.43 28.03
CA SER B 68 10.47 -5.79 28.15
C SER B 68 9.40 -6.77 27.69
N GLY B 69 9.72 -7.54 26.64
CA GLY B 69 8.77 -8.51 26.14
C GLY B 69 7.53 -7.84 25.58
N THR B 70 6.37 -8.23 26.12
CA THR B 70 5.09 -7.65 25.73
C THR B 70 4.55 -6.70 26.80
N SER B 71 5.44 -6.15 27.62
CA SER B 71 5.04 -5.25 28.69
C SER B 71 5.98 -4.05 28.72
N ALA B 72 5.43 -2.93 29.20
CA ALA B 72 6.21 -1.70 29.38
C ALA B 72 5.78 -1.04 30.68
N SER B 73 6.73 -0.36 31.31
CA SER B 73 6.48 0.25 32.60
C SER B 73 6.94 1.69 32.60
N LEU B 74 6.14 2.56 33.22
CA LEU B 74 6.49 3.96 33.45
C LEU B 74 6.73 4.14 34.95
N ALA B 75 7.90 4.63 35.31
CA ALA B 75 8.28 4.80 36.70
C ALA B 75 8.39 6.28 37.02
N ILE B 76 7.63 6.73 38.01
CA ILE B 76 7.68 8.11 38.49
C ILE B 76 8.39 8.08 39.84
N THR B 77 9.57 8.68 39.91
CA THR B 77 10.38 8.68 41.11
C THR B 77 10.25 10.04 41.78
N GLY B 78 9.52 10.10 42.89
CA GLY B 78 9.32 11.33 43.61
C GLY B 78 7.87 11.61 43.93
N LEU B 79 6.98 11.29 43.00
CA LEU B 79 5.53 11.44 43.19
C LEU B 79 5.17 12.85 43.64
N GLN B 80 5.86 13.84 43.08
CA GLN B 80 5.63 15.22 43.47
C GLN B 80 4.24 15.67 43.02
N PRO B 81 3.67 16.67 43.68
CA PRO B 81 2.44 17.29 43.16
C PRO B 81 2.67 17.84 41.77
N GLU B 82 1.58 18.00 41.03
CA GLU B 82 1.49 18.32 39.61
C GLU B 82 1.75 17.07 38.76
N ASP B 83 2.01 15.92 39.38
CA ASP B 83 2.07 14.64 38.67
C ASP B 83 0.75 13.88 38.79
N GLU B 84 -0.31 14.55 39.23
CA GLU B 84 -1.63 13.95 39.33
C GLU B 84 -2.34 14.13 38.00
N ALA B 85 -2.28 13.10 37.15
CA ALA B 85 -2.87 13.16 35.83
C ALA B 85 -3.09 11.75 35.32
N ASP B 86 -3.68 11.66 34.13
CA ASP B 86 -3.88 10.39 33.45
C ASP B 86 -2.68 10.09 32.57
N TYR B 87 -2.12 8.90 32.71
CA TYR B 87 -0.95 8.50 31.93
C TYR B 87 -1.38 7.38 30.97
N TYR B 88 -1.12 7.59 29.69
CA TYR B 88 -1.49 6.64 28.65
C TYR B 88 -0.24 6.14 27.95
N CYS B 89 -0.14 4.83 27.79
CA CYS B 89 0.91 4.23 26.99
C CYS B 89 0.40 4.06 25.56
N GLN B 90 1.16 4.59 24.60
CA GLN B 90 0.82 4.48 23.20
C GLN B 90 1.82 3.58 22.50
N SER B 91 1.32 2.78 21.56
CA SER B 91 2.18 1.89 20.80
C SER B 91 1.55 1.65 19.43
N TYR B 92 2.36 1.16 18.51
CA TYR B 92 1.93 0.93 17.14
C TYR B 92 1.37 -0.47 17.01
N ASP B 93 0.20 -0.59 16.38
CA ASP B 93 -0.45 -1.87 16.15
C ASP B 93 -0.55 -2.11 14.65
N ASN B 94 -0.07 -3.26 14.20
CA ASN B 94 -0.04 -3.58 12.78
C ASN B 94 -0.82 -4.86 12.45
N SER B 95 -1.76 -5.24 13.31
CA SER B 95 -2.54 -6.46 13.06
C SER B 95 -3.41 -6.32 11.82
N LEU B 96 -4.04 -5.16 11.63
CA LEU B 96 -4.91 -4.91 10.49
C LEU B 96 -4.34 -3.90 9.52
N SER B 97 -3.98 -2.73 9.99
CA SER B 97 -3.40 -1.69 9.16
C SER B 97 -2.56 -0.79 10.06
N VAL B 98 -2.18 0.39 9.55
CA VAL B 98 -1.48 1.36 10.37
C VAL B 98 -2.42 1.80 11.48
N ASN B 99 -2.09 1.42 12.71
CA ASN B 99 -2.95 1.71 13.85
C ASN B 99 -2.09 2.06 15.05
N TYR B 100 -2.64 2.89 15.93
CA TYR B 100 -1.96 3.30 17.16
C TYR B 100 -2.89 3.03 18.33
N VAL B 101 -2.46 2.17 19.23
CA VAL B 101 -3.27 1.75 20.37
C VAL B 101 -2.78 2.47 21.60
N PHE B 102 -3.72 3.00 22.39
CA PHE B 102 -3.42 3.68 23.63
C PHE B 102 -3.79 2.79 24.81
N GLY B 103 -3.17 3.07 25.95
CA GLY B 103 -3.53 2.36 27.16
C GLY B 103 -4.88 2.78 27.68
N THR B 104 -5.43 1.95 28.58
CA THR B 104 -6.73 2.24 29.15
C THR B 104 -6.73 3.55 29.94
N GLY B 105 -5.57 3.96 30.44
CA GLY B 105 -5.46 5.21 31.16
C GLY B 105 -5.32 5.04 32.66
N THR B 106 -4.12 5.26 33.17
CA THR B 106 -3.85 5.14 34.60
C THR B 106 -3.95 6.51 35.26
N ARG B 107 -4.75 6.59 36.33
CA ARG B 107 -4.93 7.82 37.08
C ARG B 107 -4.00 7.79 38.28
N VAL B 108 -2.97 8.63 38.27
CA VAL B 108 -2.02 8.73 39.37
C VAL B 108 -2.59 9.72 40.38
N THR B 109 -2.92 9.24 41.57
CA THR B 109 -3.53 10.05 42.62
C THR B 109 -2.51 10.15 43.75
N VAL B 110 -1.89 11.33 43.88
CA VAL B 110 -0.89 11.57 44.92
C VAL B 110 -1.62 11.94 46.20
N LEU B 111 -1.65 11.03 47.17
CA LEU B 111 -2.33 11.28 48.44
C LEU B 111 -1.53 12.25 49.30
N ALA C 1 22.25 12.17 -11.44
CA ALA C 1 20.96 12.86 -11.35
C ALA C 1 20.50 12.97 -9.91
N GLU C 2 19.20 12.86 -9.70
CA GLU C 2 18.60 12.95 -8.38
C GLU C 2 17.66 11.78 -8.15
N TYR C 3 17.60 11.34 -6.90
CA TYR C 3 16.74 10.22 -6.53
C TYR C 3 15.28 10.62 -6.62
N ARG C 4 14.46 9.73 -7.18
CA ARG C 4 13.03 9.94 -7.20
C ARG C 4 12.48 9.93 -5.78
N ASN C 5 11.67 10.93 -5.45
CA ASN C 5 11.07 11.03 -4.13
C ASN C 5 9.59 10.71 -4.12
N TRP C 6 8.89 10.91 -5.23
CA TRP C 6 7.44 10.68 -5.32
C TRP C 6 6.68 11.49 -4.29
N SER C 7 7.15 12.70 -3.99
CA SER C 7 6.58 13.55 -2.96
C SER C 7 5.53 14.50 -3.51
N LYS C 8 4.82 14.10 -4.56
CA LYS C 8 3.76 14.90 -5.12
C LYS C 8 2.40 14.27 -4.83
N PRO C 9 1.34 15.06 -4.72
CA PRO C 9 0.01 14.48 -4.50
C PRO C 9 -0.42 13.67 -5.70
N GLN C 10 -1.29 12.68 -5.45
CA GLN C 10 -1.81 11.88 -6.53
C GLN C 10 -2.58 12.73 -7.51
N CYS C 11 -2.45 12.40 -8.79
CA CYS C 11 -3.05 13.20 -9.85
C CYS C 11 -4.57 13.04 -9.82
N ASN C 12 -5.27 14.04 -10.35
CA ASN C 12 -6.71 13.94 -10.46
C ASN C 12 -7.07 12.97 -11.58
N ILE C 13 -7.85 11.95 -11.25
CA ILE C 13 -8.17 10.88 -12.19
C ILE C 13 -9.68 10.84 -12.37
N THR C 14 -10.13 11.15 -13.58
CA THR C 14 -11.52 10.95 -13.97
C THR C 14 -11.69 9.74 -14.88
N GLY C 15 -10.60 9.03 -15.17
CA GLY C 15 -10.63 7.92 -16.09
C GLY C 15 -9.26 7.74 -16.71
N PHE C 16 -9.19 6.83 -17.67
CA PHE C 16 -7.93 6.46 -18.29
C PHE C 16 -8.03 6.61 -19.80
N ALA C 17 -7.06 7.26 -20.38
CA ALA C 17 -6.92 7.51 -21.81
C ALA C 17 -5.89 6.57 -22.41
N PRO C 18 -6.08 6.16 -23.67
CA PRO C 18 -5.09 5.26 -24.29
C PRO C 18 -3.73 5.93 -24.40
N PHE C 19 -2.69 5.16 -24.13
CA PHE C 19 -1.34 5.71 -24.11
C PHE C 19 -0.40 5.02 -25.07
N SER C 20 -0.43 3.70 -25.15
CA SER C 20 0.52 2.98 -26.00
C SER C 20 -0.03 1.60 -26.33
N LYS C 21 0.54 1.02 -27.39
CA LYS C 21 0.15 -0.28 -27.89
C LYS C 21 1.22 -0.78 -28.85
N ASP C 22 1.70 -2.01 -28.68
CA ASP C 22 2.84 -2.48 -29.44
C ASP C 22 2.46 -3.32 -30.66
N ASN C 23 1.28 -3.91 -30.68
CA ASN C 23 0.83 -4.76 -31.79
C ASN C 23 1.84 -5.89 -32.05
N SER C 24 2.33 -6.51 -30.97
CA SER C 24 3.43 -7.46 -31.09
C SER C 24 3.03 -8.68 -31.92
N ILE C 25 1.84 -9.23 -31.66
CA ILE C 25 1.44 -10.45 -32.36
C ILE C 25 1.13 -10.15 -33.82
N ARG C 26 0.51 -9.00 -34.11
CA ARG C 26 0.24 -8.63 -35.49
C ARG C 26 1.53 -8.48 -36.28
N LEU C 27 2.55 -7.86 -35.68
CA LEU C 27 3.83 -7.73 -36.36
C LEU C 27 4.57 -9.05 -36.44
N SER C 28 4.27 -9.98 -35.52
CA SER C 28 4.95 -11.28 -35.54
C SER C 28 4.64 -12.08 -36.79
N ALA C 29 3.47 -11.85 -37.40
CA ALA C 29 3.07 -12.62 -38.57
C ALA C 29 3.91 -12.32 -39.80
N GLY C 30 4.70 -11.25 -39.78
CA GLY C 30 5.54 -10.92 -40.90
C GLY C 30 6.89 -10.35 -40.49
N GLY C 31 7.20 -10.41 -39.20
CA GLY C 31 8.45 -9.90 -38.69
C GLY C 31 9.05 -10.86 -37.67
N ASP C 32 10.23 -10.49 -37.17
CA ASP C 32 10.93 -11.29 -36.16
C ASP C 32 10.72 -10.62 -34.81
N ILE C 33 9.68 -11.04 -34.10
CA ILE C 33 9.30 -10.46 -32.83
C ILE C 33 9.42 -11.53 -31.75
N TRP C 34 9.93 -11.13 -30.59
CA TRP C 34 10.14 -12.06 -29.49
C TRP C 34 8.82 -12.65 -29.01
N VAL C 35 8.86 -13.91 -28.59
CA VAL C 35 7.76 -14.49 -27.83
C VAL C 35 7.89 -14.03 -26.38
N THR C 36 6.84 -13.41 -25.85
CA THR C 36 6.90 -12.77 -24.55
C THR C 36 5.69 -13.19 -23.72
N ARG C 37 5.86 -13.08 -22.40
CA ARG C 37 4.75 -13.24 -21.46
C ARG C 37 5.03 -12.40 -20.23
N GLU C 38 3.96 -12.11 -19.49
CA GLU C 38 4.04 -11.33 -18.25
C GLU C 38 4.79 -10.02 -18.44
N PRO C 39 4.29 -9.10 -19.26
CA PRO C 39 4.96 -7.81 -19.45
C PRO C 39 4.63 -6.84 -18.33
N TYR C 40 5.41 -5.77 -18.29
CA TYR C 40 5.11 -4.65 -17.40
C TYR C 40 5.81 -3.41 -17.92
N VAL C 41 5.37 -2.27 -17.42
CA VAL C 41 5.88 -0.97 -17.86
C VAL C 41 6.45 -0.24 -16.65
N SER C 42 7.63 0.36 -16.85
CA SER C 42 8.24 1.21 -15.84
C SER C 42 8.89 2.39 -16.55
N CYS C 43 8.89 3.55 -15.90
CA CYS C 43 9.29 4.79 -16.55
C CYS C 43 10.55 5.36 -15.90
N ASP C 44 11.42 5.92 -16.73
CA ASP C 44 12.50 6.79 -16.29
C ASP C 44 11.90 8.13 -15.90
N PRO C 45 12.69 9.06 -15.35
CA PRO C 45 12.22 10.44 -15.28
C PRO C 45 11.94 11.06 -16.65
N ASP C 46 12.47 10.47 -17.72
CA ASP C 46 12.30 10.99 -19.07
C ASP C 46 11.26 10.22 -19.88
N LYS C 47 11.41 8.90 -19.99
CA LYS C 47 10.53 8.10 -20.84
C LYS C 47 10.19 6.79 -20.14
N CYS C 48 9.23 6.08 -20.70
CA CYS C 48 8.77 4.81 -20.17
C CYS C 48 9.28 3.65 -21.03
N TYR C 49 9.43 2.50 -20.41
CA TYR C 49 10.01 1.33 -21.06
C TYR C 49 9.08 0.14 -20.93
N GLN C 50 9.07 -0.71 -21.94
CA GLN C 50 8.41 -1.99 -21.82
C GLN C 50 9.36 -3.02 -21.20
N PHE C 51 8.77 -3.98 -20.52
CA PHE C 51 9.52 -5.11 -19.99
C PHE C 51 8.70 -6.36 -20.26
N ALA C 52 9.38 -7.47 -20.51
CA ALA C 52 8.69 -8.73 -20.71
C ALA C 52 9.67 -9.86 -20.48
N LEU C 53 9.14 -11.03 -20.13
CA LEU C 53 9.95 -12.23 -19.96
C LEU C 53 9.89 -12.99 -21.28
N GLY C 54 10.85 -12.69 -22.15
CA GLY C 54 10.92 -13.39 -23.42
C GLY C 54 11.20 -14.86 -23.20
N GLN C 55 10.68 -15.68 -24.11
CA GLN C 55 10.84 -17.13 -24.01
C GLN C 55 12.10 -17.63 -24.72
N GLY C 56 13.07 -16.76 -24.96
CA GLY C 56 14.30 -17.16 -25.61
C GLY C 56 14.18 -17.40 -27.09
N THR C 57 13.08 -16.98 -27.72
CA THR C 57 12.83 -17.30 -29.12
C THR C 57 11.90 -16.24 -29.70
N THR C 58 11.83 -16.22 -31.03
CA THR C 58 10.88 -15.41 -31.75
C THR C 58 9.66 -16.24 -32.13
N LEU C 59 8.63 -15.56 -32.63
CA LEU C 59 7.39 -16.26 -32.95
C LEU C 59 7.54 -17.12 -34.20
N ASN C 60 8.17 -16.58 -35.24
CA ASN C 60 8.38 -17.32 -36.49
C ASN C 60 9.60 -18.23 -36.37
N ASN C 61 9.59 -19.05 -35.33
CA ASN C 61 10.72 -19.88 -34.97
C ASN C 61 10.21 -21.26 -34.56
N GLY C 62 11.05 -22.27 -34.74
CA GLY C 62 10.69 -23.61 -34.29
C GLY C 62 10.71 -23.77 -32.79
N HIS C 63 11.41 -22.89 -32.08
CA HIS C 63 11.47 -22.95 -30.62
C HIS C 63 10.28 -22.26 -29.96
N SER C 64 9.48 -21.51 -30.71
CA SER C 64 8.26 -20.93 -30.14
C SER C 64 7.23 -22.00 -29.78
N ASN C 65 7.36 -23.19 -30.36
CA ASN C 65 6.49 -24.31 -30.01
C ASN C 65 6.63 -24.64 -28.53
N ASP C 66 5.50 -24.80 -27.87
CA ASP C 66 5.43 -25.09 -26.42
C ASP C 66 6.12 -23.99 -25.62
N THR C 67 5.61 -22.78 -25.75
CA THR C 67 6.10 -21.63 -25.01
C THR C 67 5.17 -21.21 -23.89
N VAL C 68 4.31 -22.14 -23.43
CA VAL C 68 3.39 -21.84 -22.34
C VAL C 68 4.00 -22.08 -20.97
N HIS C 69 5.17 -22.72 -20.91
CA HIS C 69 5.81 -22.99 -19.63
C HIS C 69 6.29 -21.68 -19.00
N ASP C 70 6.04 -21.54 -17.70
CA ASP C 70 6.34 -20.28 -17.03
C ASP C 70 7.83 -20.10 -16.75
N ARG C 71 8.55 -21.20 -16.50
CA ARG C 71 9.93 -21.13 -16.04
C ARG C 71 10.80 -22.05 -16.88
N THR C 72 11.65 -21.46 -17.72
CA THR C 72 12.64 -22.16 -18.52
C THR C 72 13.97 -21.45 -18.36
N PRO C 73 15.09 -22.15 -18.55
CA PRO C 73 16.40 -21.49 -18.46
C PRO C 73 16.61 -20.41 -19.49
N TYR C 74 15.86 -20.43 -20.58
CA TYR C 74 16.06 -19.50 -21.69
C TYR C 74 15.24 -18.22 -21.55
N ARG C 75 14.45 -18.09 -20.49
CA ARG C 75 13.68 -16.88 -20.29
C ARG C 75 14.58 -15.73 -19.87
N THR C 76 14.41 -14.58 -20.51
CA THR C 76 15.19 -13.39 -20.23
C THR C 76 14.26 -12.19 -20.13
N LEU C 77 14.72 -11.17 -19.40
CA LEU C 77 13.96 -9.93 -19.27
C LEU C 77 14.31 -9.01 -20.43
N LEU C 78 13.34 -8.78 -21.32
CA LEU C 78 13.52 -7.88 -22.43
C LEU C 78 13.22 -6.44 -22.01
N MET C 79 13.74 -5.50 -22.77
CA MET C 79 13.66 -4.09 -22.39
C MET C 79 13.85 -3.21 -23.60
N ASN C 80 12.86 -2.38 -23.88
CA ASN C 80 13.01 -1.27 -24.82
C ASN C 80 11.98 -0.22 -24.49
N GLU C 81 12.16 0.96 -25.08
CA GLU C 81 11.27 2.08 -24.80
C GLU C 81 9.84 1.74 -25.20
N LEU C 82 8.89 2.33 -24.49
CA LEU C 82 7.48 2.01 -24.72
C LEU C 82 7.07 2.37 -26.14
N GLY C 83 6.41 1.43 -26.82
CA GLY C 83 6.01 1.58 -28.19
C GLY C 83 6.85 0.78 -29.16
N VAL C 84 8.14 0.67 -28.92
CA VAL C 84 9.03 -0.13 -29.76
C VAL C 84 8.71 -1.60 -29.54
N PRO C 85 8.31 -2.35 -30.57
CA PRO C 85 8.04 -3.78 -30.38
C PRO C 85 9.31 -4.54 -30.07
N PHE C 86 9.14 -5.70 -29.43
CA PHE C 86 10.26 -6.54 -29.02
C PHE C 86 10.82 -7.24 -30.25
N HIS C 87 11.66 -6.53 -30.97
CA HIS C 87 12.31 -7.04 -32.17
C HIS C 87 13.64 -7.69 -31.79
N LEU C 88 14.42 -8.10 -32.78
CA LEU C 88 15.69 -8.78 -32.52
C LEU C 88 16.73 -7.87 -31.89
N GLY C 89 16.56 -6.56 -31.99
CA GLY C 89 17.46 -5.62 -31.38
C GLY C 89 17.17 -5.31 -29.93
N THR C 90 16.20 -6.01 -29.33
CA THR C 90 15.86 -5.77 -27.94
C THR C 90 16.97 -6.23 -27.01
N LYS C 91 17.20 -5.46 -25.95
CA LYS C 91 18.22 -5.78 -24.97
C LYS C 91 17.65 -6.73 -23.92
N GLN C 92 18.26 -7.90 -23.78
CA GLN C 92 17.95 -8.81 -22.69
C GLN C 92 18.83 -8.43 -21.51
N VAL C 93 18.23 -7.78 -20.51
CA VAL C 93 19.02 -7.22 -19.41
C VAL C 93 19.41 -8.26 -18.36
N CYS C 94 18.74 -9.40 -18.32
CA CYS C 94 19.09 -10.43 -17.34
C CYS C 94 18.36 -11.71 -17.68
N ILE C 95 18.83 -12.80 -17.09
CA ILE C 95 18.14 -14.10 -17.17
C ILE C 95 17.10 -14.13 -16.06
N ALA C 96 15.84 -14.33 -16.43
CA ALA C 96 14.77 -14.31 -15.45
C ALA C 96 13.51 -14.95 -16.03
N TRP C 97 12.90 -15.84 -15.26
CA TRP C 97 11.52 -16.21 -15.47
C TRP C 97 10.58 -15.51 -14.49
N SER C 98 11.12 -14.61 -13.67
CA SER C 98 10.36 -13.70 -12.83
C SER C 98 11.19 -12.45 -12.62
N SER C 99 10.56 -11.30 -12.69
CA SER C 99 11.35 -10.07 -12.77
C SER C 99 10.60 -8.90 -12.13
N SER C 100 11.33 -7.82 -11.92
CA SER C 100 10.81 -6.57 -11.41
C SER C 100 11.86 -5.50 -11.64
N SER C 101 11.43 -4.35 -12.14
CA SER C 101 12.37 -3.29 -12.50
C SER C 101 11.84 -1.94 -12.04
N CYS C 102 12.72 -1.16 -11.43
CA CYS C 102 12.41 0.21 -11.06
C CYS C 102 13.59 1.11 -11.35
N HIS C 103 13.30 2.36 -11.66
CA HIS C 103 14.32 3.38 -11.86
C HIS C 103 14.27 4.34 -10.67
N ASP C 104 15.37 4.42 -9.93
CA ASP C 104 15.42 5.27 -8.74
C ASP C 104 15.75 6.71 -9.06
N GLY C 105 15.60 7.13 -10.31
CA GLY C 105 15.98 8.46 -10.74
C GLY C 105 17.42 8.59 -11.15
N LYS C 106 18.26 7.62 -10.82
CA LYS C 106 19.67 7.61 -11.19
C LYS C 106 20.04 6.44 -12.09
N ALA C 107 19.58 5.24 -11.76
CA ALA C 107 19.94 4.06 -12.53
C ALA C 107 18.82 3.05 -12.46
N TRP C 108 18.84 2.10 -13.39
CA TRP C 108 17.86 1.03 -13.40
C TRP C 108 18.24 -0.07 -12.42
N LEU C 109 17.25 -0.58 -11.69
CA LEU C 109 17.42 -1.75 -10.85
C LEU C 109 16.50 -2.85 -11.36
N HIS C 110 17.07 -4.00 -11.68
CA HIS C 110 16.31 -5.15 -12.12
C HIS C 110 16.48 -6.27 -11.11
N VAL C 111 15.37 -6.78 -10.60
CA VAL C 111 15.36 -7.98 -9.77
C VAL C 111 14.96 -9.15 -10.65
N CYS C 112 15.89 -10.08 -10.86
CA CYS C 112 15.71 -11.15 -11.82
C CYS C 112 15.83 -12.49 -11.10
N VAL C 113 14.81 -13.33 -11.20
CA VAL C 113 14.80 -14.65 -10.59
C VAL C 113 14.93 -15.68 -11.69
N THR C 114 15.90 -16.58 -11.56
CA THR C 114 16.11 -17.64 -12.52
C THR C 114 16.60 -18.88 -11.76
N GLY C 115 16.96 -19.91 -12.50
CA GLY C 115 17.44 -21.14 -11.91
C GLY C 115 16.37 -22.18 -11.77
N ASP C 116 16.65 -23.17 -10.94
CA ASP C 116 15.71 -24.25 -10.69
C ASP C 116 14.50 -23.72 -9.91
N ASP C 117 13.38 -24.44 -10.04
CA ASP C 117 12.17 -24.04 -9.35
C ASP C 117 12.36 -24.08 -7.84
N GLU C 118 13.03 -25.12 -7.34
CA GLU C 118 13.21 -25.31 -5.91
C GLU C 118 14.47 -24.67 -5.36
N ASN C 119 15.35 -24.15 -6.21
CA ASN C 119 16.60 -23.54 -5.76
C ASN C 119 16.88 -22.28 -6.57
N ALA C 120 15.85 -21.45 -6.75
CA ALA C 120 15.97 -20.27 -7.60
C ALA C 120 16.95 -19.25 -7.03
N THR C 121 17.53 -18.48 -7.93
CA THR C 121 18.44 -17.39 -7.58
C THR C 121 17.83 -16.07 -8.03
N ALA C 122 17.77 -15.11 -7.12
CA ALA C 122 17.26 -13.77 -7.43
C ALA C 122 18.43 -12.81 -7.49
N SER C 123 18.75 -12.35 -8.70
CA SER C 123 19.88 -11.46 -8.91
C SER C 123 19.40 -10.02 -8.97
N PHE C 124 20.08 -9.14 -8.24
CA PHE C 124 19.74 -7.72 -8.17
C PHE C 124 20.76 -6.95 -9.00
N ILE C 125 20.34 -6.47 -10.15
CA ILE C 125 21.22 -5.80 -11.10
C ILE C 125 20.88 -4.31 -11.08
N TYR C 126 21.84 -3.51 -10.61
CA TYR C 126 21.68 -2.07 -10.51
C TYR C 126 22.74 -1.38 -11.35
N ASN C 127 22.32 -0.40 -12.14
CA ASN C 127 23.21 0.38 -12.99
C ASN C 127 23.98 -0.50 -13.97
N GLY C 128 23.32 -1.56 -14.44
CA GLY C 128 23.90 -2.43 -15.44
C GLY C 128 24.87 -3.46 -14.92
N ARG C 129 25.05 -3.57 -13.61
CA ARG C 129 25.95 -4.55 -13.02
C ARG C 129 25.25 -5.27 -11.88
N LEU C 130 25.64 -6.53 -11.69
CA LEU C 130 25.10 -7.32 -10.59
C LEU C 130 25.68 -6.82 -9.27
N VAL C 131 24.81 -6.52 -8.32
CA VAL C 131 25.21 -5.98 -7.03
C VAL C 131 24.96 -6.97 -5.90
N ASP C 132 23.80 -7.62 -5.89
CA ASP C 132 23.46 -8.56 -4.84
C ASP C 132 22.75 -9.77 -5.44
N SER C 133 22.48 -10.75 -4.60
CA SER C 133 21.73 -11.93 -5.00
C SER C 133 21.28 -12.66 -3.75
N ILE C 134 20.14 -13.35 -3.86
CA ILE C 134 19.62 -14.19 -2.78
C ILE C 134 19.16 -15.51 -3.36
N GLY C 135 19.10 -16.52 -2.51
CA GLY C 135 18.57 -17.80 -2.88
C GLY C 135 17.16 -18.01 -2.35
N SER C 136 16.54 -19.10 -2.78
CA SER C 136 15.19 -19.43 -2.34
C SER C 136 15.22 -19.79 -0.86
N TRP C 137 14.54 -18.99 -0.04
CA TRP C 137 14.50 -19.24 1.39
C TRP C 137 13.45 -20.28 1.79
N SER C 138 12.53 -20.61 0.89
CA SER C 138 11.53 -21.63 1.14
C SER C 138 11.73 -22.87 0.28
N LYS C 139 12.71 -22.85 -0.63
CA LYS C 139 12.99 -23.96 -1.54
C LYS C 139 11.76 -24.30 -2.38
N LYS C 140 11.00 -23.27 -2.74
CA LYS C 140 9.92 -23.39 -3.72
C LYS C 140 10.13 -22.34 -4.80
N ILE C 141 9.13 -22.11 -5.65
CA ILE C 141 9.30 -21.18 -6.75
C ILE C 141 9.40 -19.78 -6.18
N LEU C 142 10.62 -19.24 -6.14
CA LEU C 142 10.84 -17.88 -5.67
C LEU C 142 10.45 -16.92 -6.78
N ARG C 143 9.53 -16.01 -6.49
CA ARG C 143 9.00 -15.11 -7.50
C ARG C 143 8.95 -13.70 -6.95
N THR C 144 8.67 -12.76 -7.84
CA THR C 144 8.60 -11.35 -7.47
C THR C 144 7.39 -10.69 -8.08
N GLN C 145 7.35 -9.36 -8.06
CA GLN C 145 6.13 -8.63 -8.41
C GLN C 145 5.68 -8.91 -9.84
N GLU C 146 6.62 -9.20 -10.74
CA GLU C 146 6.34 -9.27 -12.18
C GLU C 146 5.84 -7.94 -12.72
N SER C 147 6.20 -6.85 -12.04
CA SER C 147 5.82 -5.51 -12.43
C SER C 147 6.88 -4.55 -11.92
N GLU C 148 6.63 -3.26 -12.08
CA GLU C 148 7.57 -2.27 -11.62
C GLU C 148 7.61 -2.23 -10.09
N CYS C 149 8.82 -2.15 -9.55
CA CYS C 149 9.02 -1.82 -8.16
C CYS C 149 9.07 -0.31 -7.98
N VAL C 150 9.14 0.13 -6.73
CA VAL C 150 9.05 1.55 -6.42
C VAL C 150 10.26 1.94 -5.57
N CYS C 151 11.01 2.92 -6.03
CA CYS C 151 12.14 3.48 -5.30
C CYS C 151 11.75 4.84 -4.76
N ILE C 152 11.82 5.01 -3.45
CA ILE C 152 11.54 6.29 -2.80
C ILE C 152 12.84 6.74 -2.14
N ASN C 153 13.37 7.87 -2.59
CA ASN C 153 14.60 8.45 -2.06
C ASN C 153 15.76 7.46 -2.15
N GLY C 154 15.80 6.69 -3.23
CA GLY C 154 16.89 5.77 -3.48
C GLY C 154 16.73 4.38 -2.90
N THR C 155 15.70 4.15 -2.09
CA THR C 155 15.44 2.84 -1.50
C THR C 155 14.32 2.17 -2.27
N CYS C 156 14.64 1.12 -3.01
CA CYS C 156 13.68 0.39 -3.81
C CYS C 156 13.17 -0.80 -3.03
N THR C 157 11.85 -0.93 -2.95
CA THR C 157 11.21 -2.04 -2.25
C THR C 157 10.65 -3.02 -3.26
N VAL C 158 11.04 -4.28 -3.15
CA VAL C 158 10.53 -5.35 -3.99
C VAL C 158 9.86 -6.37 -3.08
N VAL C 159 8.73 -6.90 -3.54
CA VAL C 159 7.96 -7.89 -2.80
C VAL C 159 8.27 -9.25 -3.39
N MET C 160 8.89 -10.12 -2.60
CA MET C 160 9.36 -11.42 -3.07
C MET C 160 8.59 -12.50 -2.34
N THR C 161 7.97 -13.40 -3.09
CA THR C 161 7.23 -14.53 -2.54
C THR C 161 7.99 -15.82 -2.75
N ASP C 162 7.85 -16.74 -1.81
CA ASP C 162 8.51 -18.03 -1.90
C ASP C 162 7.67 -19.04 -1.12
N GLY C 163 7.16 -20.03 -1.82
CA GLY C 163 6.35 -21.05 -1.20
C GLY C 163 5.28 -21.53 -2.14
N SER C 164 4.30 -22.23 -1.58
CA SER C 164 3.22 -22.80 -2.39
C SER C 164 2.39 -21.70 -3.03
N ALA C 165 1.96 -21.94 -4.27
CA ALA C 165 1.04 -21.05 -4.95
C ALA C 165 -0.41 -21.28 -4.53
N SER C 166 -0.69 -22.34 -3.78
CA SER C 166 -2.03 -22.66 -3.32
C SER C 166 -2.05 -22.94 -1.83
N GLY C 167 -1.14 -22.35 -1.09
CA GLY C 167 -1.09 -22.52 0.34
C GLY C 167 -0.38 -21.36 0.98
N LYS C 168 0.11 -21.58 2.20
CA LYS C 168 0.83 -20.54 2.92
C LYS C 168 2.23 -20.39 2.35
N ALA C 169 2.52 -19.22 1.80
CA ALA C 169 3.83 -18.91 1.24
C ALA C 169 4.49 -17.82 2.08
N ASP C 170 5.82 -17.79 2.04
CA ASP C 170 6.60 -16.82 2.79
C ASP C 170 6.91 -15.63 1.88
N THR C 171 6.28 -14.49 2.17
CA THR C 171 6.47 -13.27 1.40
C THR C 171 7.34 -12.32 2.20
N LYS C 172 8.41 -11.83 1.58
CA LYS C 172 9.32 -10.88 2.22
C LYS C 172 9.42 -9.64 1.36
N ILE C 173 9.44 -8.48 2.00
CA ILE C 173 9.63 -7.20 1.32
C ILE C 173 11.08 -6.82 1.48
N LEU C 174 11.79 -6.71 0.36
CA LEU C 174 13.21 -6.43 0.35
C LEU C 174 13.42 -4.95 0.02
N PHE C 175 14.22 -4.28 0.83
CA PHE C 175 14.54 -2.88 0.64
C PHE C 175 15.95 -2.79 0.09
N ILE C 176 16.09 -2.15 -1.08
CA ILE C 176 17.30 -2.24 -1.88
C ILE C 176 17.80 -0.82 -2.14
N GLU C 177 19.04 -0.56 -1.73
CA GLU C 177 19.69 0.73 -1.96
C GLU C 177 20.87 0.51 -2.89
N GLU C 178 20.78 1.04 -4.10
CA GLU C 178 21.83 0.90 -5.11
C GLU C 178 22.19 -0.56 -5.36
N GLY C 179 21.16 -1.41 -5.39
CA GLY C 179 21.35 -2.82 -5.66
C GLY C 179 21.63 -3.67 -4.44
N LYS C 180 21.97 -3.06 -3.31
CA LYS C 180 22.32 -3.79 -2.10
C LYS C 180 21.09 -3.95 -1.22
N ILE C 181 20.83 -5.17 -0.78
CA ILE C 181 19.71 -5.46 0.10
C ILE C 181 20.04 -4.94 1.49
N VAL C 182 19.44 -3.81 1.87
CA VAL C 182 19.72 -3.18 3.16
C VAL C 182 18.71 -3.58 4.23
N HIS C 183 17.60 -4.21 3.86
CA HIS C 183 16.62 -4.68 4.84
C HIS C 183 15.72 -5.69 4.16
N THR C 184 15.22 -6.63 4.97
CA THR C 184 14.30 -7.66 4.50
C THR C 184 13.22 -7.83 5.56
N SER C 185 12.04 -7.27 5.30
CA SER C 185 10.93 -7.32 6.23
C SER C 185 9.95 -8.39 5.83
N PRO C 186 9.63 -9.34 6.71
CA PRO C 186 8.58 -10.31 6.39
C PRO C 186 7.23 -9.63 6.27
N LEU C 187 6.37 -10.21 5.44
CA LEU C 187 5.03 -9.66 5.27
C LEU C 187 4.24 -9.82 6.56
N SER C 188 3.64 -8.71 7.01
CA SER C 188 2.83 -8.71 8.21
C SER C 188 1.48 -8.06 7.92
N GLY C 189 0.48 -8.44 8.71
CA GLY C 189 -0.86 -7.92 8.50
C GLY C 189 -1.88 -9.03 8.37
N SER C 190 -3.01 -8.74 7.72
CA SER C 190 -4.09 -9.71 7.58
C SER C 190 -4.14 -10.36 6.20
N ALA C 191 -3.19 -10.07 5.32
CA ALA C 191 -3.14 -10.73 4.02
C ALA C 191 -2.48 -12.10 4.17
N GLN C 192 -3.18 -13.14 3.74
CA GLN C 192 -2.71 -14.50 3.96
C GLN C 192 -1.93 -15.06 2.77
N HIS C 193 -2.15 -14.53 1.58
CA HIS C 193 -1.35 -14.92 0.41
C HIS C 193 -1.11 -13.68 -0.44
N VAL C 194 0.15 -13.37 -0.68
CA VAL C 194 0.55 -12.18 -1.43
C VAL C 194 1.47 -12.62 -2.56
N GLU C 195 1.12 -12.24 -3.79
CA GLU C 195 1.86 -12.68 -4.95
C GLU C 195 1.56 -11.76 -6.12
N GLU C 196 2.59 -11.41 -6.90
CA GLU C 196 2.47 -10.59 -8.09
C GLU C 196 1.82 -9.24 -7.76
N CYS C 197 2.52 -8.47 -6.93
CA CYS C 197 1.99 -7.20 -6.45
C CYS C 197 2.14 -6.11 -7.50
N SER C 198 1.10 -5.31 -7.65
CA SER C 198 1.16 -4.08 -8.44
C SER C 198 1.41 -2.93 -7.47
N CYS C 199 2.67 -2.57 -7.31
CA CYS C 199 3.08 -1.56 -6.35
C CYS C 199 3.10 -0.19 -7.00
N TYR C 200 2.67 0.82 -6.23
CA TYR C 200 2.73 2.20 -6.69
C TYR C 200 3.14 3.07 -5.52
N PRO C 201 3.86 4.17 -5.76
CA PRO C 201 4.32 5.02 -4.67
C PRO C 201 3.18 5.78 -4.02
N ARG C 202 3.08 5.69 -2.70
CA ARG C 202 2.16 6.49 -1.90
C ARG C 202 3.00 7.08 -0.77
N TYR C 203 3.65 8.20 -1.05
CA TYR C 203 4.71 8.69 -0.19
C TYR C 203 4.16 9.01 1.20
N PRO C 204 4.89 8.67 2.27
CA PRO C 204 6.24 8.10 2.32
C PRO C 204 6.26 6.59 2.16
N GLY C 205 5.10 5.98 1.88
CA GLY C 205 5.00 4.55 1.78
C GLY C 205 4.91 4.06 0.33
N VAL C 206 4.79 2.74 0.21
CA VAL C 206 4.53 2.08 -1.06
C VAL C 206 3.31 1.19 -0.86
N ARG C 207 2.33 1.32 -1.75
CA ARG C 207 1.12 0.53 -1.69
C ARG C 207 1.15 -0.50 -2.80
N CYS C 208 0.92 -1.76 -2.43
CA CYS C 208 0.99 -2.89 -3.36
C CYS C 208 -0.33 -3.65 -3.29
N VAL C 209 -1.11 -3.58 -4.36
CA VAL C 209 -2.32 -4.38 -4.49
C VAL C 209 -1.93 -5.67 -5.18
N CYS C 210 -1.91 -6.76 -4.41
CA CYS C 210 -1.33 -8.02 -4.86
C CYS C 210 -2.43 -8.97 -5.30
N ARG C 211 -2.04 -10.21 -5.59
CA ARG C 211 -2.97 -11.24 -6.06
C ARG C 211 -2.98 -12.38 -5.05
N ASP C 212 -4.18 -12.75 -4.60
CA ASP C 212 -4.36 -13.83 -3.65
C ASP C 212 -4.67 -15.11 -4.42
N ASN C 213 -3.70 -16.02 -4.45
CA ASN C 213 -3.80 -17.24 -5.22
C ASN C 213 -4.32 -18.42 -4.41
N TRP C 214 -4.72 -18.19 -3.16
CA TRP C 214 -5.08 -19.28 -2.26
C TRP C 214 -6.57 -19.30 -1.93
N LYS C 215 -7.12 -18.21 -1.40
CA LYS C 215 -8.50 -18.24 -0.95
C LYS C 215 -9.31 -17.05 -1.45
N GLY C 216 -8.65 -15.90 -1.64
CA GLY C 216 -9.36 -14.66 -1.88
C GLY C 216 -9.48 -14.32 -3.36
N SER C 217 -10.70 -13.95 -3.76
CA SER C 217 -10.92 -13.26 -5.02
C SER C 217 -10.78 -11.75 -4.87
N ASN C 218 -10.65 -11.26 -3.65
CA ASN C 218 -10.36 -9.86 -3.39
C ASN C 218 -8.86 -9.67 -3.26
N ARG C 219 -8.34 -8.64 -3.90
CA ARG C 219 -6.89 -8.45 -3.95
C ARG C 219 -6.38 -7.99 -2.59
N PRO C 220 -5.34 -8.62 -2.06
CA PRO C 220 -4.71 -8.10 -0.83
C PRO C 220 -4.00 -6.79 -1.09
N ILE C 221 -3.94 -5.95 -0.06
CA ILE C 221 -3.20 -4.71 -0.09
C ILE C 221 -2.01 -4.85 0.84
N VAL C 222 -0.84 -4.44 0.39
CA VAL C 222 0.37 -4.44 1.20
C VAL C 222 0.87 -3.00 1.25
N ASP C 223 0.84 -2.40 2.44
CA ASP C 223 1.36 -1.07 2.63
C ASP C 223 2.78 -1.18 3.22
N ILE C 224 3.73 -0.54 2.54
CA ILE C 224 5.13 -0.62 2.90
C ILE C 224 5.65 0.78 3.15
N ASN C 225 6.19 1.02 4.34
CA ASN C 225 6.81 2.29 4.67
C ASN C 225 8.31 2.16 4.43
N VAL C 226 8.84 2.98 3.50
CA VAL C 226 10.24 2.86 3.12
C VAL C 226 11.19 3.55 4.08
N LYS C 227 10.68 4.15 5.15
CA LYS C 227 11.52 4.81 6.14
C LYS C 227 11.84 3.91 7.32
N ASP C 228 10.83 3.34 7.98
CA ASP C 228 11.04 2.42 9.09
C ASP C 228 10.95 0.96 8.68
N TYR C 229 10.73 0.68 7.39
CA TYR C 229 10.66 -0.68 6.87
C TYR C 229 9.55 -1.49 7.53
N SER C 230 8.40 -0.84 7.77
CA SER C 230 7.27 -1.48 8.42
C SER C 230 6.22 -1.85 7.38
N ILE C 231 5.65 -3.04 7.56
CA ILE C 231 4.68 -3.60 6.62
C ILE C 231 3.36 -3.82 7.34
N VAL C 232 2.28 -3.37 6.71
CA VAL C 232 0.92 -3.73 7.12
C VAL C 232 0.18 -4.21 5.88
N SER C 233 -0.82 -5.06 6.09
CA SER C 233 -1.51 -5.65 4.96
C SER C 233 -2.97 -5.86 5.29
N SER C 234 -3.81 -5.67 4.28
CA SER C 234 -5.25 -5.86 4.40
C SER C 234 -5.76 -6.30 3.02
N TYR C 235 -7.07 -6.20 2.81
CA TYR C 235 -7.67 -6.55 1.54
C TYR C 235 -8.47 -5.36 1.01
N VAL C 236 -8.64 -5.31 -0.30
CA VAL C 236 -9.42 -4.23 -0.91
C VAL C 236 -10.85 -4.32 -0.43
N CYS C 237 -11.40 -3.18 -0.01
CA CYS C 237 -12.70 -3.15 0.65
C CYS C 237 -13.87 -3.31 -0.30
N SER C 238 -13.68 -3.03 -1.59
CA SER C 238 -14.80 -3.04 -2.52
C SER C 238 -15.37 -4.44 -2.69
N GLY C 239 -16.70 -4.51 -2.74
CA GLY C 239 -17.36 -5.77 -3.01
C GLY C 239 -17.28 -6.21 -4.45
N LEU C 240 -16.80 -5.33 -5.34
CA LEU C 240 -16.50 -5.69 -6.72
C LEU C 240 -15.04 -6.15 -6.74
N VAL C 241 -14.84 -7.45 -6.63
CA VAL C 241 -13.51 -8.02 -6.53
C VAL C 241 -12.84 -8.00 -7.91
N GLY C 242 -11.53 -7.77 -7.92
CA GLY C 242 -10.82 -7.59 -9.17
C GLY C 242 -9.94 -8.74 -9.59
N ASP C 243 -10.15 -9.92 -9.00
CA ASP C 243 -9.35 -11.10 -9.29
C ASP C 243 -10.22 -12.17 -9.94
N THR C 244 -9.76 -12.68 -11.08
CA THR C 244 -10.45 -13.79 -11.73
C THR C 244 -9.68 -15.09 -11.50
N PRO C 245 -10.37 -16.20 -11.23
CA PRO C 245 -11.83 -16.38 -11.17
C PRO C 245 -12.49 -15.71 -9.98
N ARG C 246 -13.79 -15.45 -10.09
CA ARG C 246 -14.55 -14.79 -9.05
C ARG C 246 -16.03 -15.07 -9.27
N LYS C 247 -16.83 -14.77 -8.25
CA LYS C 247 -18.27 -14.85 -8.38
C LYS C 247 -18.79 -13.62 -9.13
N ASN C 248 -20.06 -13.64 -9.49
CA ASN C 248 -20.59 -12.51 -10.24
C ASN C 248 -20.84 -11.34 -9.29
N ASP C 249 -21.10 -10.17 -9.88
CA ASP C 249 -21.10 -8.92 -9.12
C ASP C 249 -22.10 -8.93 -7.97
N SER C 250 -23.20 -9.65 -8.12
CA SER C 250 -24.20 -9.68 -7.05
C SER C 250 -23.71 -10.45 -5.84
N SER C 251 -23.00 -11.57 -6.07
CA SER C 251 -22.63 -12.47 -4.99
C SER C 251 -21.21 -12.26 -4.48
N SER C 252 -20.38 -11.47 -5.15
CA SER C 252 -19.03 -11.23 -4.68
C SER C 252 -19.05 -10.39 -3.41
N SER C 253 -17.96 -10.47 -2.65
CA SER C 253 -17.88 -9.77 -1.38
C SER C 253 -16.42 -9.53 -1.01
N SER C 254 -16.23 -8.63 -0.05
CA SER C 254 -14.92 -8.32 0.51
C SER C 254 -15.11 -7.49 1.77
N HIS C 255 -14.35 -7.80 2.83
CA HIS C 255 -14.56 -7.13 4.11
C HIS C 255 -13.25 -6.61 4.71
N CYS C 256 -12.26 -6.35 3.86
CA CYS C 256 -11.05 -5.58 4.12
C CYS C 256 -10.05 -6.30 5.02
N LEU C 257 -10.38 -7.46 5.59
CA LEU C 257 -9.45 -8.10 6.51
C LEU C 257 -9.26 -9.58 6.30
N ASP C 258 -10.13 -10.26 5.56
CA ASP C 258 -9.98 -11.69 5.29
C ASP C 258 -10.28 -11.94 3.83
N PRO C 259 -9.65 -12.96 3.24
CA PRO C 259 -10.07 -13.40 1.91
C PRO C 259 -11.51 -13.88 1.93
N ASN C 260 -12.23 -13.57 0.86
CA ASN C 260 -13.67 -13.86 0.81
C ASN C 260 -13.97 -15.33 0.59
N ASN C 261 -12.98 -16.14 0.24
CA ASN C 261 -13.16 -17.58 0.01
C ASN C 261 -14.21 -17.84 -1.07
N GLU C 262 -14.20 -17.02 -2.12
CA GLU C 262 -15.11 -17.16 -3.25
C GLU C 262 -14.28 -17.29 -4.52
N GLU C 263 -14.13 -18.53 -5.00
CA GLU C 263 -13.39 -18.82 -6.23
C GLU C 263 -11.97 -18.24 -6.17
N GLY C 264 -11.35 -18.35 -5.00
CA GLY C 264 -10.01 -17.84 -4.80
C GLY C 264 -8.89 -18.82 -5.06
N GLY C 265 -9.20 -20.01 -5.59
CA GLY C 265 -8.17 -21.01 -5.79
C GLY C 265 -7.10 -20.58 -6.77
N HIS C 266 -7.43 -19.70 -7.69
CA HIS C 266 -6.51 -19.16 -8.68
C HIS C 266 -6.54 -17.64 -8.60
N GLY C 267 -5.89 -17.01 -9.57
CA GLY C 267 -5.93 -15.56 -9.63
C GLY C 267 -5.22 -15.07 -10.87
N VAL C 268 -5.35 -13.77 -11.11
CA VAL C 268 -4.61 -13.08 -12.16
C VAL C 268 -3.95 -11.86 -11.52
N LYS C 269 -2.83 -11.45 -12.10
CA LYS C 269 -2.18 -10.24 -11.63
C LYS C 269 -3.01 -9.04 -12.02
N GLY C 270 -3.27 -8.17 -11.04
CA GLY C 270 -4.10 -7.01 -11.27
C GLY C 270 -3.65 -5.81 -10.49
N TRP C 271 -4.41 -4.72 -10.55
CA TRP C 271 -4.04 -3.49 -9.90
C TRP C 271 -5.26 -2.82 -9.29
N ALA C 272 -5.00 -1.97 -8.31
CA ALA C 272 -6.01 -1.07 -7.74
C ALA C 272 -5.28 0.05 -7.05
N PHE C 273 -5.87 1.24 -7.07
CA PHE C 273 -5.29 2.35 -6.32
C PHE C 273 -6.42 3.23 -5.79
N ASP C 274 -6.12 3.93 -4.70
CA ASP C 274 -7.13 4.70 -3.99
C ASP C 274 -7.12 6.14 -4.47
N ASP C 275 -8.29 6.62 -4.90
CA ASP C 275 -8.49 8.04 -5.22
C ASP C 275 -9.20 8.65 -4.01
N GLY C 276 -8.43 8.96 -2.99
CA GLY C 276 -9.01 9.38 -1.72
C GLY C 276 -9.61 8.19 -0.98
N ASN C 277 -10.93 8.14 -0.91
CA ASN C 277 -11.62 7.00 -0.32
C ASN C 277 -12.14 6.02 -1.36
N ASP C 278 -12.24 6.43 -2.62
CA ASP C 278 -12.66 5.55 -3.70
C ASP C 278 -11.48 4.68 -4.15
N VAL C 279 -11.79 3.64 -4.91
CA VAL C 279 -10.78 2.75 -5.46
C VAL C 279 -10.95 2.71 -6.97
N TRP C 280 -9.85 2.93 -7.69
CA TRP C 280 -9.80 2.70 -9.13
C TRP C 280 -9.19 1.33 -9.35
N MET C 281 -9.98 0.41 -9.90
CA MET C 281 -9.54 -0.97 -10.05
C MET C 281 -9.87 -1.48 -11.44
N GLY C 282 -8.96 -2.24 -12.02
CA GLY C 282 -9.16 -2.88 -13.30
C GLY C 282 -9.28 -4.38 -13.12
N ARG C 283 -10.20 -4.99 -13.87
CA ARG C 283 -10.42 -6.42 -13.78
C ARG C 283 -10.91 -6.93 -15.13
N THR C 284 -10.75 -8.23 -15.34
CA THR C 284 -11.27 -8.85 -16.56
C THR C 284 -12.78 -8.83 -16.54
N ILE C 285 -13.38 -8.60 -17.72
CA ILE C 285 -14.84 -8.58 -17.83
C ILE C 285 -15.40 -9.95 -17.51
N SER C 286 -14.80 -11.00 -18.06
CA SER C 286 -15.26 -12.36 -17.77
C SER C 286 -14.88 -12.76 -16.35
N GLU C 287 -15.84 -13.36 -15.63
CA GLU C 287 -15.58 -13.75 -14.25
C GLU C 287 -14.68 -14.96 -14.17
N LYS C 288 -14.82 -15.91 -15.09
CA LYS C 288 -14.11 -17.17 -15.00
C LYS C 288 -12.78 -17.15 -15.75
N LEU C 289 -12.73 -16.51 -16.91
CA LEU C 289 -11.53 -16.50 -17.74
C LEU C 289 -10.95 -15.10 -17.82
N ARG C 290 -9.75 -15.02 -18.38
CA ARG C 290 -9.09 -13.73 -18.63
C ARG C 290 -9.53 -13.18 -19.99
N SER C 291 -10.83 -13.00 -20.14
CA SER C 291 -11.42 -12.48 -21.36
C SER C 291 -11.97 -11.08 -21.10
N GLY C 292 -11.52 -10.12 -21.89
CA GLY C 292 -11.93 -8.75 -21.73
C GLY C 292 -11.22 -8.09 -20.56
N TYR C 293 -11.47 -6.79 -20.42
CA TYR C 293 -10.88 -6.01 -19.33
C TYR C 293 -11.64 -4.72 -19.18
N GLU C 294 -11.97 -4.38 -17.93
CA GLU C 294 -12.67 -3.15 -17.62
C GLU C 294 -12.02 -2.47 -16.43
N THR C 295 -12.12 -1.15 -16.39
CA THR C 295 -11.68 -0.36 -15.25
C THR C 295 -12.81 0.56 -14.82
N PHE C 296 -12.93 0.74 -13.51
CA PHE C 296 -14.01 1.55 -12.96
C PHE C 296 -13.59 2.06 -11.60
N LYS C 297 -14.33 3.05 -11.12
CA LYS C 297 -14.15 3.57 -9.77
C LYS C 297 -15.30 3.11 -8.90
N VAL C 298 -14.98 2.51 -7.76
CA VAL C 298 -15.97 2.13 -6.76
C VAL C 298 -16.00 3.22 -5.71
N ILE C 299 -17.17 3.83 -5.52
CA ILE C 299 -17.31 4.91 -4.56
C ILE C 299 -17.17 4.34 -3.15
N GLU C 300 -16.28 4.95 -2.36
CA GLU C 300 -15.95 4.46 -1.02
C GLU C 300 -15.49 3.01 -1.04
N GLY C 301 -14.83 2.60 -2.13
CA GLY C 301 -14.40 1.23 -2.26
C GLY C 301 -13.09 0.89 -1.57
N TRP C 302 -12.35 1.90 -1.12
CA TRP C 302 -11.13 1.66 -0.37
C TRP C 302 -11.34 1.67 1.14
N SER C 303 -12.43 2.25 1.61
CA SER C 303 -12.73 2.35 3.03
C SER C 303 -13.94 1.53 3.44
N LYS C 304 -15.06 1.69 2.76
CA LYS C 304 -16.28 1.00 3.14
C LYS C 304 -16.23 -0.45 2.68
N PRO C 305 -16.34 -1.42 3.59
CA PRO C 305 -16.31 -2.83 3.18
C PRO C 305 -17.50 -3.19 2.31
N ASN C 306 -17.28 -4.09 1.35
CA ASN C 306 -18.33 -4.64 0.51
C ASN C 306 -19.08 -3.53 -0.24
N SER C 307 -18.34 -2.56 -0.75
CA SER C 307 -18.92 -1.45 -1.51
C SER C 307 -19.00 -1.85 -2.98
N LYS C 308 -20.20 -1.78 -3.55
CA LYS C 308 -20.43 -2.19 -4.92
C LYS C 308 -20.92 -1.04 -5.81
N LEU C 309 -20.84 0.20 -5.34
CA LEU C 309 -21.32 1.35 -6.10
C LEU C 309 -20.19 1.81 -7.01
N GLN C 310 -20.25 1.40 -8.28
CA GLN C 310 -19.20 1.71 -9.24
C GLN C 310 -19.64 2.82 -10.18
N ILE C 311 -18.65 3.52 -10.72
CA ILE C 311 -18.86 4.64 -11.63
C ILE C 311 -17.65 4.71 -12.57
N ASN C 312 -17.79 5.52 -13.62
CA ASN C 312 -16.70 5.79 -14.56
C ASN C 312 -16.14 4.53 -15.19
N ARG C 313 -17.00 3.55 -15.45
CA ARG C 313 -16.55 2.28 -16.01
C ARG C 313 -16.07 2.48 -17.45
N GLN C 314 -14.92 1.91 -17.76
CA GLN C 314 -14.37 1.91 -19.10
C GLN C 314 -14.09 0.48 -19.53
N VAL C 315 -14.44 0.16 -20.77
CA VAL C 315 -14.14 -1.14 -21.35
C VAL C 315 -12.80 -1.01 -22.08
N ILE C 316 -11.76 -1.58 -21.51
CA ILE C 316 -10.44 -1.51 -22.12
C ILE C 316 -10.32 -2.52 -23.26
N VAL C 317 -10.70 -3.76 -23.01
CA VAL C 317 -10.75 -4.81 -24.01
C VAL C 317 -12.15 -5.40 -23.98
N ASP C 318 -12.75 -5.58 -25.16
CA ASP C 318 -14.12 -6.04 -25.22
C ASP C 318 -14.22 -7.47 -24.71
N ARG C 319 -15.46 -7.87 -24.38
CA ARG C 319 -15.69 -9.13 -23.68
C ARG C 319 -15.17 -10.33 -24.47
N GLY C 320 -15.25 -10.29 -25.79
CA GLY C 320 -14.89 -11.44 -26.60
C GLY C 320 -13.44 -11.51 -27.00
N ASN C 321 -12.57 -10.74 -26.35
CA ASN C 321 -11.15 -10.72 -26.65
C ASN C 321 -10.36 -11.07 -25.39
N ARG C 322 -9.25 -11.78 -25.60
CA ARG C 322 -8.45 -12.28 -24.49
C ARG C 322 -7.65 -11.16 -23.83
N SER C 323 -7.52 -11.25 -22.51
CA SER C 323 -6.64 -10.38 -21.76
C SER C 323 -5.71 -11.22 -20.90
N GLY C 324 -4.98 -10.58 -19.99
CA GLY C 324 -4.06 -11.30 -19.13
C GLY C 324 -3.65 -10.50 -17.92
N TYR C 325 -2.37 -10.58 -17.57
CA TYR C 325 -1.87 -9.81 -16.44
C TYR C 325 -2.04 -8.32 -16.67
N SER C 326 -2.55 -7.64 -15.66
CA SER C 326 -2.61 -6.20 -15.62
C SER C 326 -1.73 -5.69 -14.48
N GLY C 327 -1.42 -4.42 -14.51
CA GLY C 327 -0.56 -3.86 -13.49
C GLY C 327 -0.55 -2.36 -13.59
N ILE C 328 0.06 -1.74 -12.59
CA ILE C 328 0.08 -0.29 -12.46
C ILE C 328 1.51 0.22 -12.57
N PHE C 329 1.63 1.47 -12.99
CA PHE C 329 2.89 2.19 -12.88
C PHE C 329 2.58 3.67 -12.79
N SER C 330 3.49 4.42 -12.17
CA SER C 330 3.27 5.81 -11.86
C SER C 330 4.22 6.69 -12.65
N VAL C 331 3.71 7.83 -13.10
CA VAL C 331 4.49 8.82 -13.84
C VAL C 331 4.48 10.12 -13.06
N GLU C 332 5.66 10.66 -12.79
CA GLU C 332 5.78 11.90 -12.04
C GLU C 332 5.50 13.07 -12.98
N GLY C 333 4.37 13.73 -12.78
CA GLY C 333 4.00 14.86 -13.60
C GLY C 333 4.68 16.14 -13.15
N LYS C 334 4.18 17.25 -13.68
CA LYS C 334 4.73 18.55 -13.32
C LYS C 334 4.52 18.86 -11.85
N SER C 335 3.35 18.53 -11.31
CA SER C 335 3.08 18.76 -9.90
C SER C 335 2.28 17.64 -9.25
N CYS C 336 2.00 16.54 -9.95
CA CYS C 336 1.10 15.52 -9.45
C CYS C 336 1.45 14.18 -10.08
N ILE C 337 1.31 13.10 -9.30
CA ILE C 337 1.71 11.77 -9.70
C ILE C 337 0.55 11.10 -10.42
N ASN C 338 0.75 10.76 -11.68
CA ASN C 338 -0.27 10.16 -12.52
C ASN C 338 -0.19 8.63 -12.43
N ARG C 339 -1.34 7.99 -12.30
CA ARG C 339 -1.43 6.54 -12.25
C ARG C 339 -1.77 6.01 -13.62
N CYS C 340 -0.91 5.17 -14.17
CA CYS C 340 -1.13 4.53 -15.45
C CYS C 340 -1.10 3.02 -15.25
N PHE C 341 -1.81 2.31 -16.12
CA PHE C 341 -1.85 0.86 -16.05
C PHE C 341 -1.68 0.27 -17.44
N TYR C 342 -1.33 -1.02 -17.47
CA TYR C 342 -1.16 -1.78 -18.69
C TYR C 342 -2.00 -3.04 -18.61
N VAL C 343 -2.35 -3.58 -19.77
CA VAL C 343 -3.04 -4.86 -19.87
C VAL C 343 -2.26 -5.74 -20.83
N GLU C 344 -1.97 -6.97 -20.39
CA GLU C 344 -1.36 -7.96 -21.26
C GLU C 344 -2.43 -8.71 -22.01
N LEU C 345 -2.30 -8.79 -23.33
CA LEU C 345 -3.27 -9.47 -24.19
C LEU C 345 -2.65 -10.78 -24.65
N ILE C 346 -2.90 -11.85 -23.90
CA ILE C 346 -2.33 -13.16 -24.18
C ILE C 346 -3.06 -13.78 -25.36
N ARG C 347 -2.29 -14.33 -26.30
CA ARG C 347 -2.82 -15.04 -27.45
C ARG C 347 -2.07 -16.35 -27.63
N GLY C 348 -2.80 -17.37 -28.10
CA GLY C 348 -2.20 -18.66 -28.34
C GLY C 348 -2.59 -19.73 -27.34
N ARG C 349 -1.67 -20.65 -27.06
CA ARG C 349 -1.95 -21.73 -26.13
C ARG C 349 -2.16 -21.19 -24.72
N LYS C 350 -3.00 -21.88 -23.96
CA LYS C 350 -3.69 -23.12 -24.31
C LYS C 350 -5.11 -22.87 -24.80
N GLN C 351 -5.59 -21.63 -24.64
CA GLN C 351 -6.95 -21.32 -25.01
C GLN C 351 -7.17 -21.46 -26.52
N GLU C 352 -6.22 -20.99 -27.32
CA GLU C 352 -6.31 -21.06 -28.78
C GLU C 352 -5.36 -22.16 -29.26
N THR C 353 -5.94 -23.26 -29.74
CA THR C 353 -5.17 -24.42 -30.17
C THR C 353 -4.74 -24.34 -31.62
N GLU C 354 -5.09 -23.28 -32.34
CA GLU C 354 -4.70 -23.16 -33.74
C GLU C 354 -3.18 -23.07 -33.88
N VAL C 355 -2.52 -22.39 -32.94
CA VAL C 355 -1.08 -22.22 -32.98
C VAL C 355 -0.44 -23.05 -31.87
N LEU C 356 0.88 -23.12 -31.89
CA LEU C 356 1.63 -23.86 -30.88
C LEU C 356 2.27 -22.97 -29.83
N TRP C 357 2.26 -21.66 -30.02
CA TRP C 357 2.98 -20.73 -29.16
C TRP C 357 2.02 -19.98 -28.24
N THR C 358 2.57 -19.50 -27.13
CA THR C 358 1.87 -18.59 -26.24
C THR C 358 2.67 -17.30 -26.17
N SER C 359 2.04 -16.20 -26.57
CA SER C 359 2.70 -14.90 -26.55
C SER C 359 1.66 -13.86 -26.17
N ASN C 360 2.03 -12.59 -26.26
CA ASN C 360 1.15 -11.53 -25.81
C ASN C 360 1.56 -10.22 -26.47
N SER C 361 0.64 -9.26 -26.41
CA SER C 361 0.92 -7.87 -26.72
C SER C 361 0.32 -7.02 -25.61
N ILE C 362 0.94 -5.88 -25.37
CA ILE C 362 0.55 -5.02 -24.25
C ILE C 362 -0.22 -3.82 -24.78
N VAL C 363 -1.10 -3.28 -23.94
CA VAL C 363 -1.77 -2.03 -24.18
C VAL C 363 -1.74 -1.22 -22.90
N VAL C 364 -1.40 0.06 -23.00
CA VAL C 364 -1.10 0.90 -21.84
C VAL C 364 -2.08 2.06 -21.80
N PHE C 365 -2.65 2.31 -20.62
CA PHE C 365 -3.55 3.43 -20.40
C PHE C 365 -3.05 4.28 -19.26
N CYS C 366 -3.11 5.59 -19.43
CA CYS C 366 -2.67 6.54 -18.42
C CYS C 366 -3.87 7.30 -17.88
N GLY C 367 -3.86 7.54 -16.58
CA GLY C 367 -4.94 8.28 -15.95
C GLY C 367 -4.99 9.72 -16.45
N THR C 368 -6.21 10.22 -16.62
CA THR C 368 -6.41 11.58 -17.12
C THR C 368 -7.44 12.29 -16.26
N SER C 369 -7.25 13.60 -16.09
CA SER C 369 -8.22 14.45 -15.42
C SER C 369 -9.22 15.07 -16.38
N GLY C 370 -9.04 14.88 -17.69
CA GLY C 370 -9.94 15.40 -18.69
C GLY C 370 -11.00 14.39 -19.08
N THR C 371 -11.64 14.66 -20.21
CA THR C 371 -12.68 13.79 -20.73
C THR C 371 -12.08 12.73 -21.65
N TYR C 372 -12.90 11.73 -21.97
CA TYR C 372 -12.48 10.65 -22.85
C TYR C 372 -13.70 10.03 -23.49
N GLY C 373 -13.47 9.24 -24.52
CA GLY C 373 -14.52 8.52 -25.21
C GLY C 373 -14.55 7.06 -24.81
N THR C 374 -15.02 6.22 -25.74
CA THR C 374 -15.05 4.79 -25.54
C THR C 374 -14.19 4.12 -26.60
N GLY C 375 -14.24 2.80 -26.63
CA GLY C 375 -13.50 2.01 -27.59
C GLY C 375 -12.88 0.79 -26.92
N SER C 376 -12.55 -0.19 -27.74
CA SER C 376 -11.88 -1.40 -27.30
C SER C 376 -10.58 -1.55 -28.07
N TRP C 377 -9.52 -1.96 -27.39
CA TRP C 377 -8.19 -2.08 -27.97
C TRP C 377 -7.67 -3.48 -27.71
N PRO C 378 -8.14 -4.46 -28.46
CA PRO C 378 -7.65 -5.83 -28.30
C PRO C 378 -6.34 -6.01 -29.05
N ASP C 379 -5.83 -7.24 -29.02
CA ASP C 379 -4.60 -7.54 -29.75
C ASP C 379 -4.81 -7.37 -31.24
N GLY C 380 -5.95 -7.84 -31.76
CA GLY C 380 -6.30 -7.66 -33.15
C GLY C 380 -5.64 -8.63 -34.11
N ALA C 381 -4.89 -9.60 -33.62
CA ALA C 381 -4.22 -10.55 -34.49
C ALA C 381 -5.16 -11.70 -34.85
N ASP C 382 -5.24 -12.01 -36.15
CA ASP C 382 -6.02 -13.14 -36.63
C ASP C 382 -5.17 -14.40 -36.49
N ILE C 383 -5.61 -15.31 -35.61
CA ILE C 383 -4.81 -16.49 -35.31
C ILE C 383 -4.64 -17.40 -36.51
N ASN C 384 -5.53 -17.30 -37.50
CA ASN C 384 -5.39 -18.12 -38.70
C ASN C 384 -4.32 -17.60 -39.67
N LEU C 385 -3.98 -16.32 -39.58
CA LEU C 385 -2.90 -15.75 -40.38
C LEU C 385 -1.56 -15.81 -39.67
N MET C 386 -1.49 -16.39 -38.51
CA MET C 386 -0.25 -16.41 -37.76
C MET C 386 0.49 -17.73 -38.02
N PRO C 387 1.81 -17.72 -37.96
CA PRO C 387 2.56 -18.98 -38.09
C PRO C 387 2.20 -19.95 -36.98
N ILE C 388 2.15 -21.23 -37.34
CA ILE C 388 1.75 -22.26 -36.39
C ILE C 388 2.85 -22.47 -35.35
C1 NAG D . 20.85 -25.13 -3.79
C2 NAG D . 21.43 -26.52 -3.56
C3 NAG D . 22.62 -26.45 -2.60
C4 NAG D . 23.64 -25.42 -3.09
C5 NAG D . 22.96 -24.08 -3.30
C6 NAG D . 23.88 -23.03 -3.89
C7 NAG D . 19.60 -28.12 -3.84
C8 NAG D . 18.62 -29.01 -3.15
N2 NAG D . 20.43 -27.44 -3.05
O3 NAG D . 23.23 -27.72 -2.50
O4 NAG D . 24.70 -25.29 -2.15
O5 NAG D . 21.87 -24.24 -4.23
O6 NAG D . 24.25 -23.35 -5.21
O7 NAG D . 19.62 -28.02 -5.07
C1 NAG D . 25.92 -25.73 -2.76
C2 NAG D . 27.09 -25.32 -1.87
C3 NAG D . 28.41 -25.85 -2.43
C4 NAG D . 28.32 -27.33 -2.74
C5 NAG D . 27.09 -27.63 -3.60
C6 NAG D . 26.87 -29.11 -3.84
C7 NAG D . 26.59 -23.23 -0.69
C8 NAG D . 26.75 -21.74 -0.69
N2 NAG D . 27.14 -23.88 -1.71
O3 NAG D . 29.45 -25.61 -1.50
O4 NAG D . 29.49 -27.72 -3.46
O5 NAG D . 25.92 -27.14 -2.93
O6 NAG D . 26.80 -29.83 -2.63
O7 NAG D . 25.99 -23.82 0.21
C1 BMA D . 30.17 -28.79 -2.80
C2 BMA D . 31.06 -29.45 -3.86
C3 BMA D . 31.87 -30.56 -3.23
C4 BMA D . 32.62 -30.07 -1.99
C5 BMA D . 31.65 -29.37 -1.02
C6 BMA D . 32.37 -28.74 0.14
O2 BMA D . 31.98 -28.52 -4.37
O3 BMA D . 32.81 -31.07 -4.17
O4 BMA D . 33.22 -31.17 -1.32
O5 BMA D . 30.97 -28.33 -1.73
O6 BMA D . 31.49 -27.80 0.74
C1 MAN D . 32.56 -32.48 -4.36
C2 MAN D . 33.70 -33.02 -5.25
C3 MAN D . 33.51 -32.53 -6.69
C4 MAN D . 32.12 -32.93 -7.19
C5 MAN D . 31.07 -32.29 -6.29
C6 MAN D . 29.65 -32.67 -6.68
O2 MAN D . 33.65 -34.45 -5.33
O3 MAN D . 34.51 -33.04 -7.56
O4 MAN D . 31.94 -32.48 -8.52
O5 MAN D . 31.27 -32.71 -4.93
O6 MAN D . 28.75 -31.87 -5.91
C1 MAN D . 34.83 -35.00 -4.71
C2 MAN D . 34.89 -36.49 -5.12
C3 MAN D . 33.76 -37.26 -4.45
C4 MAN D . 33.79 -37.04 -2.94
C5 MAN D . 33.69 -35.54 -2.64
C6 MAN D . 33.80 -35.22 -1.16
O2 MAN D . 36.09 -37.11 -4.66
O3 MAN D . 33.82 -38.65 -4.75
O4 MAN D . 32.69 -37.70 -2.33
O5 MAN D . 34.78 -34.85 -3.31
O6 MAN D . 35.18 -35.16 -0.81
C1 MAN E . 30.20 -29.87 2.85
C2 MAN E . 29.46 -28.72 3.57
C3 MAN E . 30.43 -27.59 3.94
C4 MAN E . 31.67 -28.14 4.63
C5 MAN E . 32.34 -29.17 3.73
C6 MAN E . 33.57 -29.79 4.34
O2 MAN E . 28.89 -29.16 4.81
O3 MAN E . 29.79 -26.61 4.76
O4 MAN E . 32.58 -27.08 4.88
O5 MAN E . 31.40 -30.24 3.49
O6 MAN E . 33.51 -31.20 4.16
C1 NAG F . 6.08 -29.20 -30.59
C2 NAG F . 6.57 -30.21 -31.62
C3 NAG F . 5.96 -31.58 -31.34
C4 NAG F . 6.24 -32.00 -29.91
C5 NAG F . 5.78 -30.92 -28.94
C6 NAG F . 6.15 -31.22 -27.50
C7 NAG F . 5.07 -29.55 -33.47
C8 NAG F . 5.01 -29.10 -34.90
N2 NAG F . 6.30 -29.77 -32.98
O3 NAG F . 6.51 -32.53 -32.25
O4 NAG F . 5.57 -33.22 -29.62
O5 NAG F . 6.39 -29.67 -29.27
O6 NAG F . 7.24 -30.43 -27.07
O7 NAG F . 4.05 -29.70 -32.80
C1 NAG G . -24.02 -14.54 -10.14
C2 NAG G . -25.33 -14.89 -10.87
C3 NAG G . -26.29 -15.63 -9.95
C4 NAG G . -25.59 -16.84 -9.36
C5 NAG G . -24.46 -16.37 -8.46
C6 NAG G . -23.20 -17.21 -8.61
C7 NAG G . -26.47 -12.69 -10.74
C8 NAG G . -27.08 -11.58 -11.55
N2 NAG G . -25.96 -13.71 -11.46
O3 NAG G . -27.43 -16.04 -10.70
O4 NAG G . -26.51 -17.61 -8.60
O5 NAG G . -24.09 -15.00 -8.74
O6 NAG G . -23.32 -18.44 -7.93
O7 NAG G . -26.46 -12.67 -9.52
C1 NAG H . 16.95 10.56 1.63
C2 NAG H . 16.40 11.47 2.72
C3 NAG H . 17.53 12.32 3.32
C4 NAG H . 18.68 11.44 3.77
C5 NAG H . 19.13 10.55 2.62
C6 NAG H . 20.21 9.56 3.02
C7 NAG H . 14.09 12.29 2.68
C8 NAG H . 13.12 13.23 2.03
N2 NAG H . 15.34 12.32 2.21
O3 NAG H . 17.02 13.06 4.42
O4 NAG H . 19.77 12.24 4.20
O5 NAG H . 18.02 9.77 2.14
O6 NAG H . 20.49 8.65 1.96
O7 NAG H . 13.76 11.52 3.58
#